data_2BVW
#
_entry.id   2BVW
#
_cell.length_a   48.560
_cell.length_b   154.430
_cell.length_c   51.040
_cell.angle_alpha   90.00
_cell.angle_beta   119.31
_cell.angle_gamma   90.00
#
_symmetry.space_group_name_H-M   'P 1 21 1'
#
loop_
_entity.id
_entity.type
_entity.pdbx_description
1 polymer 'CELLOBIOHYDROLASE II'
2 branched beta-D-glucopyranose-(1-4)-beta-D-glucopyranose-(1-4)-beta-D-glucopyranose-(1-4)-beta-D-glucopyranose
3 branched beta-D-glucopyranose-(1-4)-beta-D-glucopyranose-(1-4)-alpha-D-glucopyranose
4 non-polymer 2-acetamido-2-deoxy-beta-D-glucopyranose
5 non-polymer beta-D-glucopyranose
6 non-polymer GLYCEROL
7 water water
#
_entity_poly.entity_id   1
_entity_poly.type   'polypeptide(L)'
_entity_poly.pdbx_seq_one_letter_code
;YNGNPFEGVQLWANNYYRSEVHTLAIPQITDPALRAAASAVAEVPSFQWLDRNVTVDTLLVQTLSEIREANQAGANPQYA
AQIVVYDLPDRDCAAAASNGEWAIANNGVNNYKAYINRIREILISFSDVRTILVIEPDSLANMVTNMNVPKCSGAASTYR
ELTIYALKQLDLPHVAMYMDAGHAGWLGWPANIQPAAELFAKIYEDAGKPRAVRGLATNVANYNAWSVSSPPPYTSPNPN
YDEKHYIEAFRPLLEARGFPAQFIVDQGRSGKQPTGQKEWGHWCNAIGTGFGMRPTANTGHQYVDAFVWVKPGGECDGTS
DTTAARYDYHCGLEDALKPAPEAGQWFNEYFIQLLRNANPPF
;
_entity_poly.pdbx_strand_id   A,B
#
loop_
_chem_comp.id
_chem_comp.type
_chem_comp.name
_chem_comp.formula
BGC D-saccharide, beta linking beta-D-glucopyranose 'C6 H12 O6'
GLC D-saccharide, alpha linking alpha-D-glucopyranose 'C6 H12 O6'
GOL non-polymer GLYCEROL 'C3 H8 O3'
NAG D-saccharide, beta linking 2-acetamido-2-deoxy-beta-D-glucopyranose 'C8 H15 N O6'
#
# COMPACT_ATOMS: atom_id res chain seq x y z
N ASN A 2 -3.56 10.96 32.37
CA ASN A 2 -2.28 10.95 31.66
C ASN A 2 -1.80 12.36 31.31
N GLY A 3 -0.94 12.44 30.28
CA GLY A 3 -0.30 13.69 29.95
C GLY A 3 -1.09 14.58 29.00
N ASN A 4 -0.84 15.86 29.18
CA ASN A 4 -1.37 16.86 28.25
C ASN A 4 -0.45 16.72 27.04
N PRO A 5 -1.00 16.42 25.86
CA PRO A 5 -0.20 16.26 24.66
C PRO A 5 0.41 17.55 24.17
N PHE A 6 -0.05 18.71 24.60
CA PHE A 6 0.52 19.98 24.21
C PHE A 6 1.72 20.39 25.09
N GLU A 7 1.93 19.67 26.19
CA GLU A 7 3.05 19.99 27.08
C GLU A 7 4.31 19.27 26.61
N GLY A 8 5.43 19.98 26.61
CA GLY A 8 6.73 19.41 26.29
C GLY A 8 7.06 19.31 24.82
N VAL A 9 6.25 19.92 23.95
CA VAL A 9 6.46 19.86 22.51
C VAL A 9 6.24 21.26 21.91
N GLN A 10 6.71 21.37 20.67
CA GLN A 10 6.49 22.54 19.85
C GLN A 10 5.41 22.14 18.84
N LEU A 11 4.51 23.05 18.48
CA LEU A 11 3.49 22.65 17.51
C LEU A 11 3.97 22.97 16.10
N TRP A 12 4.05 21.99 15.23
CA TRP A 12 4.45 22.21 13.85
C TRP A 12 3.44 23.07 13.08
N ALA A 13 3.93 24.13 12.43
CA ALA A 13 3.06 24.91 11.55
C ALA A 13 3.12 24.24 10.19
N ASN A 14 2.03 23.70 9.65
CA ASN A 14 2.09 22.98 8.39
C ASN A 14 2.30 23.84 7.15
N ASN A 15 2.83 23.16 6.11
CA ASN A 15 3.20 23.90 4.90
C ASN A 15 2.01 24.12 3.98
N TYR A 16 0.88 23.44 4.17
CA TYR A 16 -0.27 23.71 3.29
C TYR A 16 -0.78 25.12 3.55
N TYR A 17 -1.01 25.45 4.82
CA TYR A 17 -1.50 26.79 5.16
C TYR A 17 -0.44 27.86 4.85
N ARG A 18 0.83 27.56 5.13
CA ARG A 18 1.87 28.53 4.73
C ARG A 18 1.82 28.78 3.23
N SER A 19 1.70 27.71 2.44
CA SER A 19 1.62 27.83 0.98
C SER A 19 0.41 28.64 0.50
N GLU A 20 -0.74 28.50 1.15
CA GLU A 20 -1.89 29.37 0.75
C GLU A 20 -1.51 30.83 0.99
N VAL A 21 -1.00 31.11 2.20
CA VAL A 21 -0.71 32.52 2.53
C VAL A 21 0.32 33.11 1.57
N HIS A 22 1.44 32.41 1.39
CA HIS A 22 2.49 32.97 0.54
C HIS A 22 2.18 32.95 -0.94
N THR A 23 1.45 31.97 -1.46
CA THR A 23 1.23 31.91 -2.90
C THR A 23 -0.05 32.61 -3.36
N LEU A 24 -1.05 32.70 -2.47
CA LEU A 24 -2.31 33.32 -2.81
C LEU A 24 -2.56 34.65 -2.12
N ALA A 25 -2.35 34.76 -0.81
CA ALA A 25 -2.64 36.00 -0.11
C ALA A 25 -1.65 37.14 -0.27
N ILE A 26 -0.38 36.89 0.04
CA ILE A 26 0.65 37.92 0.02
C ILE A 26 0.83 38.61 -1.31
N PRO A 27 0.82 37.91 -2.43
CA PRO A 27 0.94 38.55 -3.74
C PRO A 27 -0.24 39.47 -4.05
N GLN A 28 -1.40 39.30 -3.42
CA GLN A 28 -2.54 40.18 -3.66
C GLN A 28 -2.65 41.29 -2.61
N ILE A 29 -1.78 41.33 -1.61
CA ILE A 29 -1.84 42.34 -0.57
C ILE A 29 -0.91 43.50 -0.88
N THR A 30 -1.48 44.70 -1.06
CA THR A 30 -0.69 45.86 -1.44
C THR A 30 0.08 46.52 -0.33
N ASP A 31 -0.48 46.62 0.88
CA ASP A 31 0.21 47.27 1.98
C ASP A 31 1.36 46.47 2.58
N PRO A 32 2.52 47.09 2.76
CA PRO A 32 3.68 46.47 3.35
C PRO A 32 3.51 45.85 4.73
N ALA A 33 2.79 46.55 5.62
CA ALA A 33 2.59 46.08 6.98
C ALA A 33 1.70 44.84 7.01
N LEU A 34 0.66 44.82 6.18
CA LEU A 34 -0.24 43.68 6.08
C LEU A 34 0.49 42.50 5.44
N ARG A 35 1.36 42.77 4.45
CA ARG A 35 2.16 41.67 3.91
C ARG A 35 3.03 41.03 5.00
N ALA A 36 3.69 41.84 5.81
CA ALA A 36 4.53 41.35 6.89
C ALA A 36 3.71 40.62 7.96
N ALA A 37 2.53 41.12 8.25
CA ALA A 37 1.59 40.53 9.20
C ALA A 37 1.15 39.15 8.71
N ALA A 38 0.80 39.09 7.43
CA ALA A 38 0.38 37.88 6.76
C ALA A 38 1.47 36.81 6.84
N SER A 39 2.73 37.23 6.59
CA SER A 39 3.83 36.27 6.74
C SER A 39 3.90 35.73 8.16
N ALA A 40 3.60 36.56 9.17
CA ALA A 40 3.68 36.06 10.55
C ALA A 40 2.54 35.08 10.85
N VAL A 41 1.35 35.33 10.32
CA VAL A 41 0.22 34.41 10.62
C VAL A 41 0.42 33.09 9.90
N ALA A 42 1.20 33.04 8.82
CA ALA A 42 1.49 31.78 8.16
C ALA A 42 2.28 30.82 9.05
N GLU A 43 2.99 31.32 10.07
CA GLU A 43 3.74 30.53 11.02
C GLU A 43 2.94 30.13 12.25
N VAL A 44 1.70 30.57 12.39
CA VAL A 44 0.90 30.14 13.56
C VAL A 44 0.47 28.70 13.30
N PRO A 45 0.73 27.76 14.21
CA PRO A 45 0.47 26.36 13.98
C PRO A 45 -0.98 25.95 14.14
N SER A 46 -1.69 25.93 13.03
CA SER A 46 -3.10 25.57 13.01
C SER A 46 -3.20 24.10 12.58
N PHE A 47 -4.32 23.47 12.89
CA PHE A 47 -4.54 22.08 12.52
C PHE A 47 -4.58 21.86 11.01
N GLN A 48 -4.11 20.71 10.57
CA GLN A 48 -4.16 20.30 9.17
C GLN A 48 -5.36 19.36 8.96
N TRP A 49 -6.27 19.66 8.04
CA TRP A 49 -7.49 18.87 7.88
C TRP A 49 -7.38 17.77 6.84
N LEU A 50 -7.82 16.56 7.19
CA LEU A 50 -7.88 15.46 6.23
C LEU A 50 -9.30 15.40 5.69
N ASP A 51 -9.68 16.46 4.96
CA ASP A 51 -11.06 16.64 4.52
C ASP A 51 -11.45 15.82 3.30
N ARG A 52 -10.45 15.24 2.63
CA ARG A 52 -10.68 14.43 1.45
C ARG A 52 -9.78 13.20 1.55
N ASN A 53 -10.18 12.07 0.98
CA ASN A 53 -9.37 10.85 1.07
C ASN A 53 -8.00 10.99 0.45
N VAL A 54 -7.86 11.79 -0.62
CA VAL A 54 -6.55 11.98 -1.28
C VAL A 54 -5.50 12.59 -0.36
N THR A 55 -5.90 13.29 0.69
CA THR A 55 -4.94 13.87 1.62
C THR A 55 -4.20 12.84 2.45
N VAL A 56 -4.74 11.63 2.66
CA VAL A 56 -4.11 10.66 3.54
C VAL A 56 -2.73 10.20 3.09
N ASP A 57 -2.64 9.77 1.84
CA ASP A 57 -1.34 9.32 1.34
C ASP A 57 -0.50 10.44 0.76
N THR A 58 -1.00 11.68 0.73
CA THR A 58 -0.18 12.78 0.22
C THR A 58 0.25 13.72 1.33
N LEU A 59 -0.65 14.64 1.69
CA LEU A 59 -0.39 15.68 2.67
C LEU A 59 -0.08 15.17 4.07
N LEU A 60 -0.79 14.15 4.55
CA LEU A 60 -0.54 13.62 5.89
C LEU A 60 0.87 13.03 6.00
N VAL A 61 1.22 12.18 5.04
CA VAL A 61 2.54 11.54 5.00
C VAL A 61 3.63 12.59 4.93
N GLN A 62 3.44 13.59 4.06
CA GLN A 62 4.39 14.68 3.88
C GLN A 62 4.61 15.44 5.17
N THR A 63 3.54 15.84 5.87
CA THR A 63 3.72 16.56 7.13
C THR A 63 4.44 15.72 8.17
N LEU A 64 4.03 14.46 8.32
CA LEU A 64 4.69 13.60 9.32
C LEU A 64 6.16 13.36 8.99
N SER A 65 6.48 13.23 7.71
CA SER A 65 7.87 13.03 7.29
C SER A 65 8.73 14.25 7.61
N GLU A 66 8.22 15.45 7.36
CA GLU A 66 8.94 16.68 7.67
C GLU A 66 9.23 16.81 9.16
N ILE A 67 8.23 16.46 10.00
CA ILE A 67 8.39 16.54 11.44
C ILE A 67 9.46 15.56 11.94
N ARG A 68 9.38 14.34 11.38
CA ARG A 68 10.39 13.32 11.75
C ARG A 68 11.81 13.81 11.46
N GLU A 69 11.98 14.43 10.29
CA GLU A 69 13.31 14.95 9.93
C GLU A 69 13.78 16.02 10.88
N ALA A 70 12.88 16.95 11.21
CA ALA A 70 13.20 18.02 12.15
C ALA A 70 13.59 17.48 13.52
N ASN A 71 12.83 16.49 14.00
CA ASN A 71 13.06 15.92 15.32
C ASN A 71 14.32 15.07 15.31
N GLN A 72 14.54 14.38 14.22
CA GLN A 72 15.74 13.56 14.05
C GLN A 72 17.00 14.43 13.96
N ALA A 73 16.85 15.72 13.71
CA ALA A 73 17.95 16.65 13.68
C ALA A 73 18.23 17.28 15.03
N GLY A 74 17.35 17.05 16.00
CA GLY A 74 17.53 17.54 17.34
C GLY A 74 16.60 18.66 17.70
N ALA A 75 15.46 18.88 17.01
CA ALA A 75 14.59 19.97 17.42
C ALA A 75 14.33 19.92 18.93
N ASN A 76 14.24 21.07 19.57
CA ASN A 76 13.97 21.14 20.99
C ASN A 76 13.12 22.34 21.39
N PRO A 77 11.93 22.07 21.93
CA PRO A 77 11.41 20.73 22.06
C PRO A 77 10.99 20.10 20.73
N GLN A 78 10.72 18.80 20.75
CA GLN A 78 10.33 18.09 19.55
C GLN A 78 9.02 18.68 19.00
N TYR A 79 8.81 18.51 17.71
CA TYR A 79 7.54 19.00 17.14
C TYR A 79 6.47 17.89 17.28
N ALA A 80 5.23 18.33 17.34
CA ALA A 80 4.05 17.46 17.36
C ALA A 80 3.14 17.85 16.19
N ALA A 81 2.41 16.89 15.63
CA ALA A 81 1.43 17.15 14.59
C ALA A 81 0.03 17.40 15.19
N GLN A 82 -0.76 18.17 14.44
CA GLN A 82 -2.15 18.51 14.77
C GLN A 82 -2.98 18.26 13.52
N ILE A 83 -3.84 17.24 13.58
CA ILE A 83 -4.59 16.80 12.42
C ILE A 83 -6.08 16.63 12.72
N VAL A 84 -6.91 16.99 11.73
CA VAL A 84 -8.36 16.83 11.92
C VAL A 84 -8.84 15.68 11.03
N VAL A 85 -9.65 14.79 11.60
CA VAL A 85 -10.22 13.69 10.80
C VAL A 85 -11.60 14.22 10.37
N TYR A 86 -11.82 14.41 9.10
CA TYR A 86 -13.11 15.02 8.68
C TYR A 86 -13.61 14.52 7.35
N ASP A 87 -14.14 13.29 7.30
CA ASP A 87 -14.62 12.77 6.01
C ASP A 87 -15.73 11.74 6.20
N LEU A 88 -16.55 11.88 7.25
CA LEU A 88 -17.68 11.00 7.43
C LEU A 88 -18.56 11.02 6.16
N PRO A 89 -19.16 9.87 5.86
CA PRO A 89 -20.14 9.79 4.77
C PRO A 89 -21.36 10.59 5.21
N ASP A 90 -22.05 11.30 4.31
CA ASP A 90 -23.18 12.14 4.67
C ASP A 90 -22.72 13.16 5.72
N ARG A 91 -21.56 13.74 5.43
CA ARG A 91 -20.93 14.75 6.29
C ARG A 91 -21.77 16.01 6.34
N ASP A 92 -21.61 16.82 7.37
CA ASP A 92 -22.30 18.10 7.52
C ASP A 92 -23.79 17.96 7.32
N CYS A 93 -24.41 17.04 8.03
CA CYS A 93 -25.79 16.64 7.84
C CYS A 93 -26.80 17.75 7.98
N ALA A 94 -26.54 18.78 8.80
CA ALA A 94 -27.58 19.80 8.94
C ALA A 94 -27.32 21.01 8.07
N ALA A 95 -26.37 20.94 7.13
CA ALA A 95 -26.06 22.10 6.29
C ALA A 95 -25.72 21.64 4.88
N ALA A 96 -25.46 22.54 3.92
CA ALA A 96 -25.11 22.07 2.59
C ALA A 96 -23.65 22.39 2.24
N ALA A 97 -23.07 23.38 2.90
CA ALA A 97 -21.80 23.94 2.49
C ALA A 97 -20.59 23.02 2.49
N SER A 98 -20.53 22.14 3.48
CA SER A 98 -19.39 21.23 3.60
C SER A 98 -19.74 19.78 3.35
N ASN A 99 -20.78 19.54 2.54
CA ASN A 99 -21.07 18.15 2.20
C ASN A 99 -19.80 17.53 1.63
N GLY A 100 -19.54 16.28 1.96
CA GLY A 100 -18.33 15.57 1.62
C GLY A 100 -18.44 14.72 0.35
N GLU A 101 -17.35 14.06 0.02
CA GLU A 101 -17.23 13.23 -1.16
C GLU A 101 -17.97 11.90 -1.05
N TRP A 102 -18.29 11.46 0.17
CA TRP A 102 -18.91 10.15 0.30
C TRP A 102 -20.33 10.24 0.84
N ALA A 103 -21.13 9.26 0.39
CA ALA A 103 -22.52 9.15 0.81
C ALA A 103 -22.80 7.77 1.40
N ILE A 104 -23.62 7.73 2.45
CA ILE A 104 -23.99 6.48 3.09
C ILE A 104 -24.67 5.53 2.09
N ALA A 105 -25.49 6.07 1.20
CA ALA A 105 -26.19 5.29 0.19
C ALA A 105 -25.26 4.76 -0.89
N ASN A 106 -24.00 5.20 -0.96
CA ASN A 106 -23.06 4.72 -1.96
C ASN A 106 -21.75 4.20 -1.35
N ASN A 107 -21.87 3.20 -0.50
CA ASN A 107 -20.77 2.52 0.16
C ASN A 107 -19.90 3.43 1.01
N GLY A 108 -20.49 4.48 1.56
CA GLY A 108 -19.78 5.45 2.39
C GLY A 108 -19.22 4.83 3.66
N VAL A 109 -19.96 3.93 4.30
CA VAL A 109 -19.47 3.28 5.51
C VAL A 109 -18.19 2.51 5.26
N ASN A 110 -18.13 1.74 4.17
CA ASN A 110 -16.93 0.96 3.85
C ASN A 110 -15.77 1.84 3.42
N ASN A 111 -16.10 2.94 2.76
CA ASN A 111 -15.06 3.87 2.30
C ASN A 111 -14.40 4.54 3.51
N TYR A 112 -15.24 4.87 4.50
CA TYR A 112 -14.78 5.52 5.71
C TYR A 112 -13.95 4.57 6.55
N LYS A 113 -14.41 3.33 6.75
CA LYS A 113 -13.58 2.37 7.50
C LYS A 113 -12.21 2.19 6.85
N ALA A 114 -12.15 2.14 5.52
CA ALA A 114 -10.85 1.99 4.85
C ALA A 114 -9.99 3.23 5.04
N TYR A 115 -10.58 4.42 5.02
CA TYR A 115 -9.87 5.68 5.26
C TYR A 115 -9.25 5.68 6.65
N ILE A 116 -10.06 5.28 7.64
CA ILE A 116 -9.59 5.21 9.02
C ILE A 116 -8.47 4.17 9.11
N ASN A 117 -8.66 3.02 8.44
CA ASN A 117 -7.62 1.97 8.51
C ASN A 117 -6.30 2.46 7.92
N ARG A 118 -6.37 3.21 6.82
CA ARG A 118 -5.14 3.72 6.20
C ARG A 118 -4.49 4.78 7.07
N ILE A 119 -5.31 5.66 7.70
CA ILE A 119 -4.75 6.62 8.64
C ILE A 119 -4.02 5.90 9.77
N ARG A 120 -4.64 4.87 10.32
CA ARG A 120 -4.03 4.06 11.38
C ARG A 120 -2.68 3.49 10.92
N GLU A 121 -2.62 2.88 9.75
CA GLU A 121 -1.37 2.32 9.24
C GLU A 121 -0.26 3.38 9.14
N ILE A 122 -0.63 4.55 8.63
CA ILE A 122 0.29 5.68 8.53
C ILE A 122 0.73 6.17 9.91
N LEU A 123 -0.20 6.34 10.86
CA LEU A 123 0.21 6.80 12.20
C LEU A 123 1.09 5.76 12.88
N ILE A 124 0.89 4.48 12.60
CA ILE A 124 1.74 3.44 13.20
C ILE A 124 3.15 3.55 12.63
N SER A 125 3.25 3.82 11.34
CA SER A 125 4.58 3.98 10.73
C SER A 125 5.27 5.19 11.32
N PHE A 126 4.52 6.24 11.65
CA PHE A 126 5.05 7.43 12.30
C PHE A 126 4.79 7.53 13.77
N SER A 127 4.98 6.42 14.51
CA SER A 127 4.82 6.38 15.95
C SER A 127 5.78 7.24 16.73
N ASP A 128 6.88 7.67 16.09
CA ASP A 128 7.86 8.53 16.72
C ASP A 128 7.43 9.98 16.70
N VAL A 129 6.34 10.30 16.03
CA VAL A 129 5.79 11.65 15.94
C VAL A 129 4.54 11.79 16.80
N ARG A 130 4.59 12.57 17.89
CA ARG A 130 3.39 12.74 18.71
C ARG A 130 2.30 13.40 17.85
N THR A 131 1.14 12.76 17.81
CA THR A 131 0.08 13.23 16.89
C THR A 131 -1.19 13.55 17.65
N ILE A 132 -1.68 14.78 17.54
CA ILE A 132 -2.91 15.22 18.20
C ILE A 132 -4.03 15.26 17.17
N LEU A 133 -5.13 14.55 17.43
CA LEU A 133 -6.23 14.49 16.49
C LEU A 133 -7.54 15.07 17.02
N VAL A 134 -8.28 15.71 16.13
CA VAL A 134 -9.63 16.21 16.42
C VAL A 134 -10.52 15.31 15.54
N ILE A 135 -11.44 14.60 16.17
CA ILE A 135 -12.28 13.68 15.41
C ILE A 135 -13.62 14.30 14.99
N GLU A 136 -13.83 14.39 13.70
CA GLU A 136 -15.02 14.85 13.03
C GLU A 136 -15.87 15.96 13.61
N PRO A 137 -15.42 17.17 13.42
CA PRO A 137 -16.13 18.36 13.83
C PRO A 137 -17.58 18.35 13.39
N ASP A 138 -18.47 18.78 14.28
CA ASP A 138 -19.89 18.87 14.07
C ASP A 138 -20.73 17.60 14.12
N SER A 139 -20.14 16.42 13.93
CA SER A 139 -20.89 15.19 13.78
C SER A 139 -21.80 14.88 14.96
N LEU A 140 -21.20 14.66 16.13
CA LEU A 140 -21.97 14.32 17.33
C LEU A 140 -22.84 15.45 17.85
N ALA A 141 -22.42 16.70 17.65
CA ALA A 141 -23.25 17.84 18.09
C ALA A 141 -24.56 17.84 17.29
N ASN A 142 -24.52 17.47 16.02
CA ASN A 142 -25.73 17.37 15.21
C ASN A 142 -26.64 16.25 15.71
N MET A 143 -26.03 15.17 16.25
CA MET A 143 -26.83 14.08 16.82
C MET A 143 -27.66 14.54 18.02
N VAL A 144 -27.14 15.48 18.78
CA VAL A 144 -27.84 16.03 19.93
C VAL A 144 -29.01 16.92 19.54
N THR A 145 -28.80 17.89 18.65
CA THR A 145 -29.82 18.89 18.38
C THR A 145 -30.54 18.82 17.03
N ASN A 146 -30.08 17.99 16.10
CA ASN A 146 -30.68 17.92 14.78
C ASN A 146 -31.23 16.57 14.39
N MET A 147 -31.90 15.86 15.32
CA MET A 147 -32.52 14.60 14.97
C MET A 147 -33.79 14.82 14.15
N ASN A 148 -34.29 16.05 14.11
CA ASN A 148 -35.44 16.42 13.30
C ASN A 148 -35.06 16.66 11.84
N VAL A 149 -33.77 16.70 11.55
CA VAL A 149 -33.29 16.94 10.19
C VAL A 149 -33.10 15.60 9.51
N PRO A 150 -33.78 15.37 8.40
CA PRO A 150 -33.75 14.11 7.68
C PRO A 150 -32.38 13.53 7.42
N LYS A 151 -31.44 14.28 6.86
CA LYS A 151 -30.09 13.78 6.66
C LYS A 151 -29.44 13.35 7.97
N CYS A 152 -29.62 14.11 9.04
CA CYS A 152 -29.02 13.75 10.33
C CYS A 152 -29.67 12.54 10.98
N SER A 153 -31.02 12.44 10.96
CA SER A 153 -31.60 11.23 11.57
C SER A 153 -31.23 10.01 10.75
N GLY A 154 -31.11 10.15 9.43
CA GLY A 154 -30.75 9.09 8.53
C GLY A 154 -29.32 8.60 8.76
N ALA A 155 -28.45 9.51 9.20
CA ALA A 155 -27.03 9.17 9.42
C ALA A 155 -26.66 8.85 10.86
N ALA A 156 -27.59 9.05 11.80
CA ALA A 156 -27.31 8.82 13.21
C ALA A 156 -26.62 7.53 13.58
N SER A 157 -27.18 6.39 13.17
CA SER A 157 -26.60 5.10 13.53
C SER A 157 -25.22 4.90 12.89
N THR A 158 -25.04 5.46 11.70
CA THR A 158 -23.77 5.40 11.00
C THR A 158 -22.75 6.29 11.72
N TYR A 159 -23.15 7.51 12.10
CA TYR A 159 -22.22 8.35 12.86
C TYR A 159 -21.79 7.69 14.16
N ARG A 160 -22.71 7.04 14.87
CA ARG A 160 -22.32 6.39 16.12
C ARG A 160 -21.36 5.24 15.83
N GLU A 161 -21.66 4.35 14.88
CA GLU A 161 -20.79 3.23 14.57
C GLU A 161 -19.38 3.64 14.12
N LEU A 162 -19.32 4.61 13.21
CA LEU A 162 -18.05 5.06 12.66
C LEU A 162 -17.23 5.87 13.67
N THR A 163 -17.89 6.58 14.58
CA THR A 163 -17.12 7.28 15.61
C THR A 163 -16.44 6.27 16.51
N ILE A 164 -17.22 5.27 16.96
CA ILE A 164 -16.63 4.22 17.79
C ILE A 164 -15.49 3.50 17.05
N TYR A 165 -15.67 3.24 15.75
CA TYR A 165 -14.67 2.59 14.94
C TYR A 165 -13.39 3.43 14.94
N ALA A 166 -13.52 4.73 14.72
CA ALA A 166 -12.36 5.61 14.70
C ALA A 166 -11.67 5.71 16.05
N LEU A 167 -12.42 5.80 17.15
CA LEU A 167 -11.80 5.90 18.46
C LEU A 167 -10.98 4.64 18.77
N LYS A 168 -11.48 3.47 18.38
CA LYS A 168 -10.74 2.24 18.62
C LYS A 168 -9.54 2.04 17.68
N GLN A 169 -9.74 2.28 16.40
CA GLN A 169 -8.67 2.10 15.42
C GLN A 169 -7.55 3.12 15.58
N LEU A 170 -7.84 4.32 16.08
CA LEU A 170 -6.76 5.30 16.26
C LEU A 170 -6.24 5.39 17.67
N ASP A 171 -6.62 4.45 18.54
CA ASP A 171 -6.15 4.40 19.92
C ASP A 171 -4.73 3.83 19.99
N LEU A 172 -3.77 4.71 19.74
CA LEU A 172 -2.36 4.33 19.58
C LEU A 172 -1.53 5.02 20.64
N PRO A 173 -0.33 4.48 20.96
CA PRO A 173 0.50 5.02 21.99
C PRO A 173 0.92 6.48 21.92
N HIS A 174 1.10 7.02 20.73
CA HIS A 174 1.62 8.36 20.56
C HIS A 174 0.54 9.33 20.09
N VAL A 175 -0.71 8.91 20.21
CA VAL A 175 -1.85 9.69 19.71
C VAL A 175 -2.70 10.22 20.83
N ALA A 176 -3.18 11.47 20.73
CA ALA A 176 -4.15 12.02 21.68
C ALA A 176 -5.39 12.43 20.86
N MET A 177 -6.56 11.94 21.24
CA MET A 177 -7.76 12.25 20.49
C MET A 177 -8.71 13.12 21.31
N TYR A 178 -9.30 14.07 20.58
CA TYR A 178 -10.31 14.94 21.15
C TYR A 178 -11.55 14.90 20.26
N MET A 179 -12.68 14.48 20.85
CA MET A 179 -13.90 14.43 20.02
C MET A 179 -14.47 15.84 19.91
N ASP A 180 -14.97 16.17 18.71
CA ASP A 180 -15.59 17.52 18.60
C ASP A 180 -16.84 17.58 19.47
N ALA A 181 -17.07 18.72 20.11
CA ALA A 181 -18.20 18.87 21.01
C ALA A 181 -18.85 20.23 20.81
N GLY A 182 -19.03 20.60 19.53
CA GLY A 182 -19.76 21.84 19.24
C GLY A 182 -19.18 23.04 19.98
N HIS A 183 -20.08 23.88 20.51
CA HIS A 183 -19.57 25.05 21.24
C HIS A 183 -20.64 25.58 22.18
N ALA A 184 -20.27 26.68 22.84
CA ALA A 184 -21.12 27.28 23.88
C ALA A 184 -22.52 27.61 23.41
N GLY A 185 -22.62 28.14 22.20
CA GLY A 185 -23.85 28.51 21.56
C GLY A 185 -24.58 27.38 20.87
N TRP A 186 -24.10 26.15 20.97
CA TRP A 186 -24.75 24.98 20.38
C TRP A 186 -25.13 24.01 21.50
N LEU A 187 -24.13 23.35 22.08
CA LEU A 187 -24.40 22.41 23.16
C LEU A 187 -24.29 23.01 24.55
N GLY A 188 -23.82 24.24 24.71
CA GLY A 188 -23.68 24.91 25.99
C GLY A 188 -25.01 25.48 26.52
N TRP A 189 -26.02 25.50 25.67
CA TRP A 189 -27.34 25.97 26.16
C TRP A 189 -27.70 25.03 27.30
N PRO A 190 -28.16 25.55 28.43
CA PRO A 190 -28.53 24.71 29.57
C PRO A 190 -29.42 23.55 29.20
N ALA A 191 -30.37 23.68 28.29
CA ALA A 191 -31.20 22.57 27.88
C ALA A 191 -30.43 21.48 27.13
N ASN A 192 -29.29 21.78 26.49
CA ASN A 192 -28.60 20.80 25.68
C ASN A 192 -27.40 20.15 26.36
N ILE A 193 -26.92 20.76 27.44
CA ILE A 193 -25.68 20.30 28.06
C ILE A 193 -25.73 18.94 28.72
N GLN A 194 -26.79 18.59 29.46
CA GLN A 194 -26.88 17.24 30.02
C GLN A 194 -26.98 16.18 28.94
N PRO A 195 -27.88 16.32 27.97
CA PRO A 195 -28.01 15.38 26.87
C PRO A 195 -26.70 15.25 26.08
N ALA A 196 -25.92 16.32 25.96
CA ALA A 196 -24.64 16.23 25.27
C ALA A 196 -23.67 15.40 26.11
N ALA A 197 -23.65 15.66 27.43
CA ALA A 197 -22.77 14.88 28.30
C ALA A 197 -23.13 13.41 28.26
N GLU A 198 -24.42 13.06 28.20
CA GLU A 198 -24.83 11.68 28.14
C GLU A 198 -24.35 11.00 26.86
N LEU A 199 -24.51 11.69 25.73
CA LEU A 199 -24.09 11.16 24.43
C LEU A 199 -22.58 10.96 24.34
N PHE A 200 -21.78 11.98 24.70
CA PHE A 200 -20.32 11.80 24.66
C PHE A 200 -19.82 10.73 25.62
N ALA A 201 -20.36 10.71 26.83
CA ALA A 201 -19.96 9.70 27.81
C ALA A 201 -20.36 8.31 27.37
N LYS A 202 -21.48 8.14 26.67
CA LYS A 202 -21.88 6.82 26.18
C LYS A 202 -21.03 6.33 25.01
N ILE A 203 -20.64 7.21 24.10
CA ILE A 203 -19.78 6.85 22.99
C ILE A 203 -18.44 6.40 23.59
N TYR A 204 -17.93 7.16 24.54
CA TYR A 204 -16.65 6.79 25.19
C TYR A 204 -16.76 5.41 25.82
N GLU A 205 -17.84 5.17 26.58
CA GLU A 205 -18.05 3.87 27.18
C GLU A 205 -18.16 2.75 26.15
N ASP A 206 -18.95 2.95 25.10
CA ASP A 206 -19.15 1.97 24.05
C ASP A 206 -17.90 1.66 23.22
N ALA A 207 -16.97 2.61 23.16
CA ALA A 207 -15.68 2.44 22.54
C ALA A 207 -14.69 1.69 23.42
N GLY A 208 -15.07 1.37 24.66
CA GLY A 208 -14.19 0.68 25.60
C GLY A 208 -13.26 1.62 26.33
N LYS A 209 -13.58 2.90 26.38
CA LYS A 209 -12.80 3.94 27.02
C LYS A 209 -11.35 3.88 26.59
N PRO A 210 -11.08 4.08 25.30
CA PRO A 210 -9.72 4.01 24.79
C PRO A 210 -8.83 4.99 25.52
N ARG A 211 -7.62 4.52 25.90
CA ARG A 211 -6.71 5.38 26.63
C ARG A 211 -6.26 6.60 25.83
N ALA A 212 -6.16 6.50 24.53
CA ALA A 212 -5.75 7.67 23.72
C ALA A 212 -6.80 8.77 23.67
N VAL A 213 -8.05 8.53 24.02
CA VAL A 213 -9.04 9.62 24.04
C VAL A 213 -8.76 10.51 25.25
N ARG A 214 -8.39 11.76 25.00
CA ARG A 214 -8.00 12.72 26.04
C ARG A 214 -9.13 13.62 26.48
N GLY A 215 -10.10 13.82 25.56
CA GLY A 215 -11.21 14.69 25.86
C GLY A 215 -11.93 15.20 24.62
N LEU A 216 -12.29 16.48 24.68
CA LEU A 216 -13.15 17.09 23.67
C LEU A 216 -12.63 18.43 23.17
N ALA A 217 -13.02 18.76 21.95
CA ALA A 217 -12.62 20.03 21.33
C ALA A 217 -13.87 20.90 21.18
N THR A 218 -13.73 22.18 21.53
CA THR A 218 -14.89 23.07 21.41
C THR A 218 -14.58 24.33 20.60
N ASN A 219 -15.61 24.89 19.99
CA ASN A 219 -15.58 26.10 19.20
C ASN A 219 -14.90 25.89 17.83
N VAL A 220 -14.75 24.65 17.40
CA VAL A 220 -14.11 24.41 16.10
C VAL A 220 -14.90 25.08 14.98
N ALA A 221 -14.19 25.89 14.18
CA ALA A 221 -14.80 26.64 13.09
C ALA A 221 -15.82 27.67 13.58
N ASN A 222 -15.72 28.08 14.84
CA ASN A 222 -16.69 29.09 15.29
C ASN A 222 -15.88 30.23 15.89
N TYR A 223 -16.57 31.19 16.51
CA TYR A 223 -16.02 32.50 16.76
C TYR A 223 -16.16 32.94 18.21
N ASN A 224 -16.59 32.01 19.06
CA ASN A 224 -16.87 32.40 20.44
C ASN A 224 -15.64 32.82 21.21
N ALA A 225 -15.88 33.68 22.23
CA ALA A 225 -14.77 34.05 23.10
C ALA A 225 -14.42 32.92 24.06
N TRP A 226 -13.17 32.86 24.51
CA TRP A 226 -12.83 31.97 25.62
C TRP A 226 -13.49 32.57 26.88
N SER A 227 -13.26 33.86 27.06
CA SER A 227 -13.78 34.55 28.24
C SER A 227 -13.98 36.04 28.04
N VAL A 228 -15.22 36.52 28.12
CA VAL A 228 -15.50 37.94 28.05
C VAL A 228 -16.24 38.37 29.32
N SER A 229 -16.19 39.66 29.61
CA SER A 229 -16.70 40.21 30.86
C SER A 229 -18.20 40.41 30.87
N SER A 230 -18.85 40.40 29.73
CA SER A 230 -20.30 40.55 29.65
C SER A 230 -20.79 39.80 28.42
N PRO A 231 -22.03 39.35 28.41
CA PRO A 231 -22.56 38.61 27.28
C PRO A 231 -22.82 39.38 26.01
N PRO A 232 -22.24 38.95 24.88
CA PRO A 232 -22.51 39.57 23.59
C PRO A 232 -24.01 39.47 23.37
N PRO A 233 -24.65 40.48 22.81
CA PRO A 233 -26.10 40.53 22.64
C PRO A 233 -26.70 39.31 21.98
N TYR A 234 -26.07 38.75 20.95
CA TYR A 234 -26.59 37.60 20.23
C TYR A 234 -26.56 36.30 21.04
N THR A 235 -25.95 36.25 22.22
CA THR A 235 -25.89 35.05 23.02
C THR A 235 -27.13 34.84 23.89
N SER A 236 -27.92 35.88 24.13
CA SER A 236 -29.00 35.75 25.09
C SER A 236 -30.12 34.86 24.61
N PRO A 237 -30.79 34.18 25.54
CA PRO A 237 -30.50 34.25 26.96
C PRO A 237 -29.66 33.15 27.55
N ASN A 238 -28.74 32.56 26.79
CA ASN A 238 -27.87 31.50 27.29
C ASN A 238 -26.92 32.07 28.33
N PRO A 239 -26.93 31.52 29.54
CA PRO A 239 -26.00 31.94 30.58
C PRO A 239 -24.57 31.52 30.27
N ASN A 240 -24.39 30.50 29.43
CA ASN A 240 -23.06 30.04 29.02
C ASN A 240 -22.70 30.74 27.72
N TYR A 241 -22.32 32.01 27.86
CA TYR A 241 -22.08 32.91 26.75
C TYR A 241 -20.67 32.92 26.19
N ASP A 242 -19.75 32.14 26.74
CA ASP A 242 -18.39 32.01 26.23
C ASP A 242 -17.94 30.58 26.53
N GLU A 243 -16.79 30.17 25.97
CA GLU A 243 -16.36 28.79 26.11
C GLU A 243 -16.00 28.41 27.54
N LYS A 244 -15.48 29.36 28.29
CA LYS A 244 -15.09 29.13 29.68
C LYS A 244 -16.34 28.74 30.50
N HIS A 245 -17.45 29.44 30.30
CA HIS A 245 -18.69 29.12 31.00
C HIS A 245 -19.18 27.73 30.59
N TYR A 246 -19.17 27.46 29.28
CA TYR A 246 -19.59 26.17 28.76
C TYR A 246 -18.81 25.03 29.37
N ILE A 247 -17.50 25.10 29.27
CA ILE A 247 -16.62 24.03 29.77
C ILE A 247 -16.75 23.88 31.27
N GLU A 248 -16.92 24.99 32.00
CA GLU A 248 -17.06 24.85 33.46
C GLU A 248 -18.36 24.15 33.83
N ALA A 249 -19.38 24.28 33.00
CA ALA A 249 -20.66 23.61 33.26
C ALA A 249 -20.64 22.18 32.75
N PHE A 250 -19.92 21.94 31.65
CA PHE A 250 -19.92 20.65 30.98
C PHE A 250 -19.06 19.56 31.61
N ARG A 251 -17.88 19.90 32.11
CA ARG A 251 -16.97 18.89 32.67
C ARG A 251 -17.53 18.09 33.83
N PRO A 252 -18.21 18.70 34.78
CA PRO A 252 -18.83 17.97 35.89
C PRO A 252 -19.83 16.92 35.42
N LEU A 253 -20.62 17.24 34.41
CA LEU A 253 -21.62 16.31 33.88
C LEU A 253 -20.98 15.16 33.13
N LEU A 254 -19.93 15.44 32.33
CA LEU A 254 -19.20 14.34 31.72
C LEU A 254 -18.50 13.45 32.73
N GLU A 255 -17.79 14.01 33.70
CA GLU A 255 -17.05 13.27 34.71
C GLU A 255 -17.97 12.41 35.58
N ALA A 256 -19.20 12.86 35.78
CA ALA A 256 -20.27 12.18 36.47
C ALA A 256 -20.64 10.87 35.81
N ARG A 257 -20.54 10.89 34.46
CA ARG A 257 -20.87 9.75 33.64
C ARG A 257 -19.63 8.98 33.22
N GLY A 258 -18.49 9.18 33.88
CA GLY A 258 -17.28 8.44 33.73
C GLY A 258 -16.31 8.89 32.64
N PHE A 259 -16.53 10.08 32.12
CA PHE A 259 -15.64 10.65 31.08
C PHE A 259 -15.09 11.96 31.57
N PRO A 260 -13.95 11.96 32.25
CA PRO A 260 -13.35 13.16 32.80
C PRO A 260 -12.52 13.93 31.76
N ALA A 261 -13.21 14.38 30.73
CA ALA A 261 -12.62 15.04 29.57
C ALA A 261 -11.85 16.32 29.81
N GLN A 262 -10.65 16.37 29.25
CA GLN A 262 -9.88 17.60 29.13
C GLN A 262 -10.30 18.23 27.80
N PHE A 263 -10.16 19.55 27.68
CA PHE A 263 -10.61 20.26 26.49
C PHE A 263 -9.53 21.03 25.77
N ILE A 264 -9.75 21.23 24.46
CA ILE A 264 -8.93 22.13 23.67
C ILE A 264 -9.98 23.08 23.04
N VAL A 265 -9.64 24.37 22.97
CA VAL A 265 -10.61 25.37 22.52
C VAL A 265 -10.07 26.16 21.32
N ASP A 266 -10.80 26.11 20.20
CA ASP A 266 -10.40 26.86 19.02
C ASP A 266 -10.57 28.35 19.30
N GLN A 267 -9.57 29.14 18.94
CA GLN A 267 -9.64 30.60 19.10
C GLN A 267 -9.10 31.31 17.86
N GLY A 268 -8.99 30.57 16.76
CA GLY A 268 -8.42 31.12 15.52
C GLY A 268 -9.21 32.26 14.93
N ARG A 269 -10.50 32.36 15.21
CA ARG A 269 -11.32 33.46 14.68
C ARG A 269 -12.10 34.13 15.80
N SER A 270 -11.51 34.13 16.98
CA SER A 270 -12.15 34.66 18.18
C SER A 270 -11.63 35.97 18.72
N GLY A 271 -10.75 36.65 18.01
CA GLY A 271 -10.06 37.83 18.45
C GLY A 271 -10.90 39.07 18.71
N LYS A 272 -11.97 39.22 17.95
CA LYS A 272 -12.82 40.41 18.07
C LYS A 272 -14.18 40.03 18.64
N GLN A 273 -14.56 40.72 19.72
CA GLN A 273 -15.81 40.43 20.42
C GLN A 273 -16.48 41.72 20.91
N PRO A 274 -17.80 41.81 20.78
CA PRO A 274 -18.62 40.86 20.08
C PRO A 274 -18.23 40.75 18.60
N THR A 275 -18.70 39.73 17.91
CA THR A 275 -18.44 39.56 16.48
C THR A 275 -19.47 40.40 15.73
N GLY A 276 -19.51 40.27 14.41
CA GLY A 276 -20.53 40.98 13.65
C GLY A 276 -21.72 40.05 13.43
N GLN A 277 -21.82 38.93 14.14
CA GLN A 277 -22.95 38.03 13.95
C GLN A 277 -24.25 38.69 14.41
N LYS A 278 -25.30 38.57 13.62
CA LYS A 278 -26.60 39.14 13.97
C LYS A 278 -27.39 38.17 14.83
N GLU A 279 -27.09 36.88 14.70
CA GLU A 279 -27.68 35.79 15.46
C GLU A 279 -26.56 34.80 15.79
N TRP A 280 -26.59 34.16 16.93
CA TRP A 280 -25.50 33.23 17.31
C TRP A 280 -25.38 32.04 16.40
N GLY A 281 -26.43 31.59 15.76
CA GLY A 281 -26.42 30.49 14.83
C GLY A 281 -25.85 30.81 13.44
N HIS A 282 -25.41 32.03 13.18
CA HIS A 282 -24.91 32.40 11.88
C HIS A 282 -23.40 32.10 11.83
N TRP A 283 -23.12 30.93 11.27
CA TRP A 283 -21.76 30.41 11.36
C TRP A 283 -20.91 30.62 10.12
N CYS A 284 -21.53 31.02 9.01
CA CYS A 284 -20.80 31.12 7.75
C CYS A 284 -20.09 32.41 7.41
N ASN A 285 -18.75 32.34 7.25
CA ASN A 285 -17.97 33.51 6.86
C ASN A 285 -18.45 34.75 7.61
N ALA A 286 -18.42 34.70 8.94
CA ALA A 286 -18.98 35.82 9.71
C ALA A 286 -18.12 37.07 9.63
N ILE A 287 -18.85 38.19 9.45
CA ILE A 287 -18.16 39.48 9.39
C ILE A 287 -17.80 39.93 10.79
N GLY A 288 -16.86 40.86 10.93
CA GLY A 288 -16.51 41.41 12.22
C GLY A 288 -15.74 40.51 13.15
N THR A 289 -14.97 39.60 12.56
CA THR A 289 -14.17 38.63 13.29
C THR A 289 -12.69 38.85 13.02
N GLY A 290 -11.87 38.39 13.95
CA GLY A 290 -10.41 38.53 13.78
C GLY A 290 -9.66 37.31 14.35
N PHE A 291 -8.44 37.11 13.90
CA PHE A 291 -7.56 36.09 14.49
C PHE A 291 -7.50 36.29 16.00
N GLY A 292 -7.63 35.24 16.81
CA GLY A 292 -7.62 35.40 18.25
C GLY A 292 -6.39 34.88 18.97
N MET A 293 -6.55 34.47 20.21
CA MET A 293 -5.47 33.97 21.07
C MET A 293 -4.67 32.89 20.37
N ARG A 294 -3.34 33.00 20.45
CA ARG A 294 -2.49 32.04 19.75
C ARG A 294 -2.42 30.73 20.54
N PRO A 295 -2.17 29.64 19.82
CA PRO A 295 -2.08 28.31 20.39
C PRO A 295 -1.08 28.25 21.52
N THR A 296 -1.49 27.66 22.64
CA THR A 296 -0.58 27.57 23.78
C THR A 296 -1.11 26.56 24.81
N ALA A 297 -0.18 25.94 25.53
CA ALA A 297 -0.57 25.00 26.58
C ALA A 297 -0.83 25.75 27.89
N ASN A 298 -0.39 26.99 27.95
CA ASN A 298 -0.54 27.83 29.14
C ASN A 298 -1.86 28.57 29.13
N THR A 299 -2.93 27.89 29.51
CA THR A 299 -4.31 28.32 29.48
C THR A 299 -4.79 28.92 30.78
N GLY A 300 -4.11 28.50 31.85
CA GLY A 300 -4.48 28.95 33.20
C GLY A 300 -5.75 28.25 33.68
N HIS A 301 -6.10 27.12 33.08
CA HIS A 301 -7.28 26.37 33.43
C HIS A 301 -7.04 24.89 33.55
N GLN A 302 -7.53 24.31 34.65
CA GLN A 302 -7.34 22.91 34.96
C GLN A 302 -7.96 21.95 33.95
N TYR A 303 -9.04 22.35 33.31
CA TYR A 303 -9.75 21.51 32.37
C TYR A 303 -9.36 21.77 30.92
N VAL A 304 -8.48 22.72 30.65
CA VAL A 304 -8.19 23.06 29.25
C VAL A 304 -6.71 22.80 28.94
N ASP A 305 -6.47 21.79 28.11
CA ASP A 305 -5.14 21.40 27.71
C ASP A 305 -4.46 22.48 26.90
N ALA A 306 -5.21 23.21 26.06
CA ALA A 306 -4.50 24.28 25.37
C ALA A 306 -5.49 25.04 24.52
N PHE A 307 -5.11 26.23 24.09
CA PHE A 307 -5.93 26.97 23.13
C PHE A 307 -5.25 26.61 21.80
N VAL A 308 -6.09 26.43 20.80
CA VAL A 308 -5.59 25.96 19.51
C VAL A 308 -6.28 26.78 18.42
N TRP A 309 -5.74 26.60 17.21
CA TRP A 309 -6.33 27.17 16.00
C TRP A 309 -6.73 25.95 15.15
N VAL A 310 -8.00 25.52 15.23
CA VAL A 310 -8.37 24.29 14.50
C VAL A 310 -8.81 24.68 13.10
N LYS A 311 -9.83 25.54 13.00
CA LYS A 311 -10.22 26.00 11.65
C LYS A 311 -9.20 27.03 11.19
N PRO A 312 -8.54 26.81 10.06
CA PRO A 312 -7.49 27.73 9.59
C PRO A 312 -8.13 28.96 8.95
N GLY A 313 -7.99 30.10 9.61
CA GLY A 313 -8.64 31.34 9.18
C GLY A 313 -8.16 31.77 7.80
N GLY A 314 -9.12 32.04 6.91
CA GLY A 314 -8.80 32.39 5.52
C GLY A 314 -9.38 31.28 4.64
N GLU A 315 -9.54 30.05 5.19
CA GLU A 315 -10.15 28.96 4.45
C GLU A 315 -11.67 29.13 4.60
N CYS A 316 -12.37 29.25 3.49
CA CYS A 316 -13.80 29.51 3.47
C CYS A 316 -14.69 28.51 4.19
N ASP A 317 -15.83 29.03 4.68
CA ASP A 317 -16.81 28.17 5.30
C ASP A 317 -17.88 27.67 4.32
N GLY A 318 -17.99 28.30 3.16
CA GLY A 318 -19.04 27.87 2.23
C GLY A 318 -19.29 28.95 1.19
N THR A 319 -19.68 28.45 0.01
CA THR A 319 -19.96 29.31 -1.12
C THR A 319 -21.20 30.15 -0.94
N SER A 320 -21.11 31.37 -1.48
CA SER A 320 -22.25 32.30 -1.47
C SER A 320 -23.01 32.26 -2.81
N ASP A 321 -22.60 31.35 -3.67
CA ASP A 321 -23.26 31.18 -4.97
C ASP A 321 -24.54 30.38 -4.88
N THR A 322 -25.68 31.07 -5.08
CA THR A 322 -26.99 30.42 -4.99
C THR A 322 -27.23 29.37 -6.05
N THR A 323 -26.47 29.29 -7.13
CA THR A 323 -26.60 28.22 -8.11
C THR A 323 -25.73 27.01 -7.81
N ALA A 324 -24.84 27.09 -6.82
CA ALA A 324 -23.95 25.98 -6.51
C ALA A 324 -24.68 24.83 -5.84
N ALA A 325 -24.19 23.61 -6.08
CA ALA A 325 -24.75 22.43 -5.42
C ALA A 325 -24.66 22.54 -3.91
N ARG A 326 -23.54 23.04 -3.40
CA ARG A 326 -23.33 23.16 -1.97
C ARG A 326 -23.73 24.50 -1.39
N TYR A 327 -24.61 25.28 -2.04
CA TYR A 327 -25.04 26.52 -1.44
C TYR A 327 -25.88 26.27 -0.19
N ASP A 328 -25.58 27.00 0.86
CA ASP A 328 -26.28 27.00 2.13
C ASP A 328 -26.69 28.42 2.41
N TYR A 329 -27.98 28.68 2.72
CA TYR A 329 -28.48 30.03 2.94
C TYR A 329 -27.73 30.79 4.02
N HIS A 330 -27.09 30.15 5.02
CA HIS A 330 -26.31 30.86 6.01
C HIS A 330 -25.16 31.65 5.37
N CYS A 331 -24.68 31.23 4.22
CA CYS A 331 -23.59 31.84 3.50
C CYS A 331 -24.05 32.96 2.59
N GLY A 332 -25.37 33.18 2.53
CA GLY A 332 -25.95 34.29 1.79
C GLY A 332 -26.51 35.34 2.72
N LEU A 333 -26.37 35.20 4.02
CA LEU A 333 -26.91 36.15 4.98
C LEU A 333 -26.20 37.49 4.94
N GLU A 334 -26.86 38.48 5.55
CA GLU A 334 -26.32 39.82 5.60
C GLU A 334 -25.03 39.88 6.41
N ASP A 335 -24.79 39.00 7.36
CA ASP A 335 -23.61 38.98 8.18
C ASP A 335 -22.59 37.93 7.70
N ALA A 336 -22.71 37.52 6.45
CA ALA A 336 -21.77 36.56 5.86
C ALA A 336 -20.96 37.32 4.80
N LEU A 337 -19.63 37.20 4.81
CA LEU A 337 -18.82 37.92 3.82
C LEU A 337 -19.02 37.36 2.43
N LYS A 338 -19.26 38.20 1.41
CA LYS A 338 -19.49 37.71 0.06
C LYS A 338 -18.86 38.65 -0.98
N PRO A 339 -18.63 38.13 -2.17
CA PRO A 339 -18.86 36.76 -2.55
C PRO A 339 -17.80 35.82 -1.96
N ALA A 340 -18.18 34.59 -1.70
CA ALA A 340 -17.27 33.61 -1.08
C ALA A 340 -17.18 32.35 -1.93
N PRO A 341 -16.00 31.72 -1.98
CA PRO A 341 -15.77 30.52 -2.74
C PRO A 341 -16.24 29.25 -2.04
N GLU A 342 -16.01 28.07 -2.63
CA GLU A 342 -16.44 26.83 -1.99
C GLU A 342 -15.73 26.65 -0.64
N ALA A 343 -16.42 25.97 0.27
CA ALA A 343 -15.88 25.70 1.61
C ALA A 343 -14.50 25.03 1.47
N GLY A 344 -13.57 25.57 2.27
CA GLY A 344 -12.22 25.03 2.25
C GLY A 344 -11.31 25.71 1.26
N GLN A 345 -11.82 26.48 0.29
CA GLN A 345 -10.96 27.18 -0.66
C GLN A 345 -10.53 28.50 -0.05
N TRP A 346 -9.43 29.07 -0.52
CA TRP A 346 -8.92 30.30 0.03
C TRP A 346 -9.84 31.48 -0.27
N PHE A 347 -10.07 32.29 0.77
CA PHE A 347 -10.95 33.45 0.67
C PHE A 347 -10.15 34.65 1.14
N ASN A 348 -9.46 35.29 0.19
CA ASN A 348 -8.54 36.35 0.53
C ASN A 348 -9.17 37.51 1.29
N GLU A 349 -10.37 37.92 0.89
CA GLU A 349 -11.00 39.04 1.59
C GLU A 349 -11.32 38.71 3.03
N TYR A 350 -11.56 37.43 3.32
CA TYR A 350 -11.86 37.02 4.69
C TYR A 350 -10.56 36.96 5.49
N PHE A 351 -9.47 36.54 4.85
CA PHE A 351 -8.16 36.48 5.53
C PHE A 351 -7.72 37.89 5.91
N ILE A 352 -8.00 38.87 5.06
CA ILE A 352 -7.62 40.26 5.32
C ILE A 352 -8.48 40.82 6.46
N GLN A 353 -9.76 40.46 6.50
CA GLN A 353 -10.62 40.85 7.61
C GLN A 353 -10.04 40.33 8.93
N LEU A 354 -9.66 39.04 8.95
CA LEU A 354 -9.11 38.45 10.16
C LEU A 354 -7.81 39.12 10.58
N LEU A 355 -6.98 39.49 9.61
CA LEU A 355 -5.72 40.13 9.87
C LEU A 355 -5.92 41.51 10.51
N ARG A 356 -6.76 42.30 9.84
CA ARG A 356 -7.08 43.63 10.35
C ARG A 356 -7.70 43.65 11.72
N ASN A 357 -8.50 42.65 12.05
CA ASN A 357 -9.18 42.53 13.32
C ASN A 357 -8.43 41.65 14.32
N ALA A 358 -7.21 41.21 14.00
CA ALA A 358 -6.45 40.35 14.90
C ALA A 358 -6.27 40.92 16.31
N ASN A 359 -6.40 40.05 17.31
CA ASN A 359 -6.14 40.38 18.71
C ASN A 359 -5.75 39.12 19.46
N PRO A 360 -4.47 39.01 19.83
CA PRO A 360 -3.49 40.07 19.66
C PRO A 360 -3.06 40.32 18.22
N PRO A 361 -2.71 41.57 17.94
CA PRO A 361 -2.30 41.98 16.60
C PRO A 361 -1.00 41.35 16.13
N PHE A 362 -0.84 41.27 14.81
CA PHE A 362 0.35 40.72 14.18
C PHE A 362 1.31 41.82 13.74
N GLY B 3 3.98 -4.40 -24.99
CA GLY B 3 3.53 -5.76 -25.25
C GLY B 3 4.12 -6.67 -24.17
N ASN B 4 4.57 -6.04 -23.10
CA ASN B 4 5.14 -6.87 -22.00
C ASN B 4 3.95 -7.54 -21.33
N PRO B 5 3.86 -8.87 -21.30
CA PRO B 5 2.74 -9.56 -20.68
C PRO B 5 2.69 -9.34 -19.19
N PHE B 6 3.76 -8.87 -18.55
CA PHE B 6 3.77 -8.58 -17.13
C PHE B 6 3.24 -7.18 -16.84
N GLU B 7 3.05 -6.37 -17.88
CA GLU B 7 2.57 -5.00 -17.68
C GLU B 7 1.05 -4.91 -17.58
N GLY B 8 0.58 -4.13 -16.63
CA GLY B 8 -0.83 -3.89 -16.40
C GLY B 8 -1.61 -5.04 -15.78
N VAL B 9 -0.93 -6.03 -15.21
CA VAL B 9 -1.65 -7.12 -14.54
C VAL B 9 -1.04 -7.37 -13.16
N GLN B 10 -1.81 -8.11 -12.35
CA GLN B 10 -1.32 -8.55 -11.04
C GLN B 10 -0.93 -10.03 -11.27
N LEU B 11 0.09 -10.54 -10.60
CA LEU B 11 0.42 -11.95 -10.79
C LEU B 11 -0.28 -12.81 -9.73
N TRP B 12 -1.02 -13.80 -10.16
CA TRP B 12 -1.70 -14.69 -9.21
C TRP B 12 -0.70 -15.58 -8.46
N ALA B 13 -0.84 -15.65 -7.14
CA ALA B 13 -0.01 -16.53 -6.33
C ALA B 13 -0.85 -17.82 -6.19
N ASN B 14 -0.29 -18.92 -6.72
CA ASN B 14 -1.09 -20.15 -6.78
C ASN B 14 -1.26 -20.84 -5.44
N ASN B 15 -2.34 -21.64 -5.35
CA ASN B 15 -2.66 -22.32 -4.10
C ASN B 15 -1.87 -23.60 -3.86
N TYR B 16 -1.19 -24.16 -4.86
CA TYR B 16 -0.38 -25.38 -4.63
C TYR B 16 0.80 -24.99 -3.73
N TYR B 17 1.55 -23.95 -4.12
CA TYR B 17 2.65 -23.47 -3.27
C TYR B 17 2.13 -23.00 -1.91
N ARG B 18 1.02 -22.27 -1.83
CA ARG B 18 0.45 -21.81 -0.57
C ARG B 18 0.14 -23.01 0.34
N SER B 19 -0.46 -24.03 -0.25
CA SER B 19 -0.82 -25.24 0.48
C SER B 19 0.43 -25.96 0.98
N GLU B 20 1.52 -25.97 0.20
CA GLU B 20 2.74 -26.61 0.70
C GLU B 20 3.23 -25.88 1.96
N VAL B 21 3.30 -24.55 1.86
CA VAL B 21 3.81 -23.76 2.99
C VAL B 21 2.92 -23.90 4.23
N HIS B 22 1.60 -23.77 4.03
CA HIS B 22 0.73 -23.86 5.19
C HIS B 22 0.52 -25.27 5.72
N THR B 23 0.54 -26.32 4.91
CA THR B 23 0.26 -27.65 5.46
C THR B 23 1.52 -28.41 5.87
N LEU B 24 2.65 -28.03 5.31
CA LEU B 24 3.89 -28.78 5.58
C LEU B 24 4.89 -27.93 6.32
N ALA B 25 5.19 -26.71 5.83
CA ALA B 25 6.22 -25.91 6.47
C ALA B 25 5.85 -25.25 7.78
N ILE B 26 4.79 -24.44 7.82
CA ILE B 26 4.38 -23.73 9.03
C ILE B 26 4.17 -24.55 10.26
N PRO B 27 3.52 -25.71 10.18
CA PRO B 27 3.27 -26.55 11.33
C PRO B 27 4.56 -27.15 11.91
N GLN B 28 5.65 -27.10 11.17
CA GLN B 28 6.93 -27.60 11.61
C GLN B 28 7.89 -26.51 12.08
N ILE B 29 7.54 -25.25 12.03
CA ILE B 29 8.40 -24.16 12.45
C ILE B 29 8.05 -23.75 13.87
N THR B 30 9.04 -23.67 14.76
CA THR B 30 8.76 -23.31 16.16
C THR B 30 8.86 -21.82 16.45
N ASP B 31 9.65 -21.06 15.70
CA ASP B 31 9.72 -19.61 15.92
C ASP B 31 8.50 -18.93 15.32
N PRO B 32 7.75 -18.17 16.12
CA PRO B 32 6.57 -17.48 15.67
C PRO B 32 6.84 -16.43 14.60
N ALA B 33 7.93 -15.69 14.71
CA ALA B 33 8.29 -14.70 13.71
C ALA B 33 8.62 -15.40 12.38
N LEU B 34 9.21 -16.60 12.44
CA LEU B 34 9.54 -17.33 11.21
C LEU B 34 8.26 -17.91 10.59
N ARG B 35 7.28 -18.19 11.45
CA ARG B 35 5.99 -18.69 10.97
C ARG B 35 5.28 -17.57 10.23
N ALA B 36 5.38 -16.34 10.72
CA ALA B 36 4.78 -15.19 10.06
C ALA B 36 5.48 -14.91 8.73
N ALA B 37 6.81 -15.07 8.72
CA ALA B 37 7.56 -14.84 7.48
C ALA B 37 7.19 -15.90 6.44
N ALA B 38 7.01 -17.13 6.88
CA ALA B 38 6.63 -18.23 5.97
C ALA B 38 5.26 -17.91 5.36
N SER B 39 4.30 -17.46 6.18
CA SER B 39 2.98 -17.09 5.63
C SER B 39 3.15 -16.02 4.56
N ALA B 40 4.05 -15.05 4.75
CA ALA B 40 4.26 -13.99 3.77
C ALA B 40 4.84 -14.49 2.47
N VAL B 41 5.81 -15.42 2.52
CA VAL B 41 6.43 -15.89 1.28
C VAL B 41 5.45 -16.71 0.47
N ALA B 42 4.45 -17.34 1.12
CA ALA B 42 3.41 -18.09 0.44
C ALA B 42 2.56 -17.22 -0.49
N GLU B 43 2.54 -15.90 -0.34
CA GLU B 43 1.81 -15.00 -1.22
C GLU B 43 2.68 -14.43 -2.36
N VAL B 44 3.95 -14.70 -2.38
CA VAL B 44 4.80 -14.21 -3.48
C VAL B 44 4.43 -15.07 -4.69
N PRO B 45 4.07 -14.44 -5.80
CA PRO B 45 3.57 -15.16 -6.97
C PRO B 45 4.62 -15.84 -7.83
N SER B 46 4.86 -17.12 -7.58
CA SER B 46 5.76 -17.97 -8.33
C SER B 46 5.05 -18.82 -9.39
N PHE B 47 5.82 -19.28 -10.38
CA PHE B 47 5.26 -20.11 -11.44
C PHE B 47 4.73 -21.44 -10.91
N GLN B 48 3.64 -21.90 -11.52
CA GLN B 48 3.07 -23.21 -11.22
C GLN B 48 3.58 -24.16 -12.30
N TRP B 49 4.12 -25.32 -11.93
CA TRP B 49 4.71 -26.22 -12.91
C TRP B 49 3.79 -27.37 -13.29
N LEU B 50 3.69 -27.62 -14.59
CA LEU B 50 2.93 -28.78 -15.08
C LEU B 50 3.95 -29.88 -15.31
N ASP B 51 4.48 -30.41 -14.20
CA ASP B 51 5.54 -31.41 -14.25
C ASP B 51 5.08 -32.84 -14.45
N ARG B 52 3.78 -33.08 -14.32
CA ARG B 52 3.21 -34.42 -14.48
C ARG B 52 1.92 -34.26 -15.31
N ASN B 53 1.58 -35.25 -16.11
CA ASN B 53 0.34 -35.21 -16.90
C ASN B 53 -0.91 -34.98 -16.06
N VAL B 54 -1.04 -35.57 -14.88
CA VAL B 54 -2.19 -35.38 -14.02
C VAL B 54 -2.47 -33.92 -13.66
N THR B 55 -1.50 -33.02 -13.70
CA THR B 55 -1.72 -31.63 -13.34
C THR B 55 -2.54 -30.86 -14.39
N VAL B 56 -2.51 -31.29 -15.64
CA VAL B 56 -3.21 -30.59 -16.72
C VAL B 56 -4.70 -30.46 -16.45
N ASP B 57 -5.40 -31.55 -16.13
CA ASP B 57 -6.84 -31.44 -15.90
C ASP B 57 -7.20 -31.25 -14.45
N THR B 58 -6.19 -31.10 -13.56
CA THR B 58 -6.51 -30.85 -12.16
C THR B 58 -6.07 -29.42 -11.84
N LEU B 59 -4.79 -29.30 -11.48
CA LEU B 59 -4.20 -28.05 -11.04
C LEU B 59 -4.25 -26.90 -12.02
N LEU B 60 -4.01 -27.13 -13.29
CA LEU B 60 -4.05 -26.08 -14.30
C LEU B 60 -5.46 -25.49 -14.43
N VAL B 61 -6.45 -26.38 -14.52
CA VAL B 61 -7.85 -25.94 -14.61
C VAL B 61 -8.29 -25.23 -13.35
N GLN B 62 -7.86 -25.73 -12.18
CA GLN B 62 -8.21 -25.13 -10.90
C GLN B 62 -7.67 -23.71 -10.80
N THR B 63 -6.36 -23.55 -11.08
CA THR B 63 -5.79 -22.21 -11.05
C THR B 63 -6.46 -21.24 -12.00
N LEU B 64 -6.60 -21.60 -13.28
CA LEU B 64 -7.28 -20.71 -14.23
C LEU B 64 -8.70 -20.38 -13.84
N SER B 65 -9.44 -21.31 -13.26
CA SER B 65 -10.81 -21.06 -12.81
C SER B 65 -10.89 -20.03 -11.68
N GLU B 66 -9.94 -20.15 -10.75
CA GLU B 66 -9.89 -19.23 -9.61
C GLU B 66 -9.53 -17.83 -10.10
N ILE B 67 -8.59 -17.75 -11.06
CA ILE B 67 -8.26 -16.43 -11.63
C ILE B 67 -9.46 -15.81 -12.33
N ARG B 68 -10.12 -16.61 -13.19
CA ARG B 68 -11.32 -16.11 -13.88
C ARG B 68 -12.35 -15.51 -12.92
N GLU B 69 -12.67 -16.28 -11.86
CA GLU B 69 -13.66 -15.77 -10.90
C GLU B 69 -13.26 -14.46 -10.26
N ALA B 70 -11.99 -14.37 -9.83
CA ALA B 70 -11.46 -13.14 -9.26
C ALA B 70 -11.58 -11.98 -10.25
N ASN B 71 -11.20 -12.24 -11.51
CA ASN B 71 -11.25 -11.27 -12.58
C ASN B 71 -12.70 -10.89 -12.92
N GLN B 72 -13.62 -11.84 -12.88
CA GLN B 72 -15.05 -11.51 -13.14
C GLN B 72 -15.68 -10.70 -12.02
N ALA B 73 -15.14 -10.87 -10.82
CA ALA B 73 -15.63 -10.17 -9.63
C ALA B 73 -15.11 -8.74 -9.57
N GLY B 74 -14.16 -8.36 -10.43
CA GLY B 74 -13.67 -7.01 -10.48
C GLY B 74 -12.21 -6.79 -10.15
N ALA B 75 -11.39 -7.86 -10.09
CA ALA B 75 -9.99 -7.63 -9.77
C ALA B 75 -9.42 -6.50 -10.63
N ASN B 76 -8.65 -5.60 -10.05
CA ASN B 76 -8.02 -4.52 -10.83
C ASN B 76 -6.70 -4.08 -10.23
N PRO B 77 -5.61 -4.30 -10.93
CA PRO B 77 -5.60 -4.92 -12.25
C PRO B 77 -5.99 -6.38 -12.26
N GLN B 78 -6.35 -6.90 -13.43
CA GLN B 78 -6.73 -8.28 -13.58
C GLN B 78 -5.53 -9.17 -13.21
N TYR B 79 -5.82 -10.39 -12.78
CA TYR B 79 -4.74 -11.32 -12.48
C TYR B 79 -4.31 -12.09 -13.73
N ALA B 80 -3.03 -12.47 -13.76
CA ALA B 80 -2.53 -13.28 -14.86
C ALA B 80 -1.87 -14.54 -14.30
N ALA B 81 -1.87 -15.60 -15.08
CA ALA B 81 -1.28 -16.87 -14.71
C ALA B 81 0.16 -17.02 -15.20
N GLN B 82 0.96 -17.74 -14.42
CA GLN B 82 2.35 -18.03 -14.77
C GLN B 82 2.50 -19.55 -14.72
N ILE B 83 2.82 -20.20 -15.82
CA ILE B 83 2.82 -21.66 -15.91
C ILE B 83 4.06 -22.22 -16.56
N VAL B 84 4.61 -23.32 -16.05
CA VAL B 84 5.78 -23.93 -16.68
C VAL B 84 5.34 -25.23 -17.36
N VAL B 85 5.72 -25.38 -18.62
CA VAL B 85 5.47 -26.64 -19.35
C VAL B 85 6.71 -27.51 -19.15
N TYR B 86 6.63 -28.65 -18.49
CA TYR B 86 7.84 -29.42 -18.13
C TYR B 86 7.57 -30.91 -18.07
N ASP B 87 7.45 -31.56 -19.24
CA ASP B 87 7.18 -32.99 -19.21
C ASP B 87 7.66 -33.68 -20.47
N LEU B 88 8.71 -33.17 -21.10
CA LEU B 88 9.26 -33.86 -22.26
C LEU B 88 9.59 -35.31 -21.92
N PRO B 89 9.42 -36.19 -22.89
CA PRO B 89 9.82 -37.59 -22.75
C PRO B 89 11.34 -37.61 -22.69
N ASP B 90 11.97 -38.45 -21.88
CA ASP B 90 13.43 -38.45 -21.67
C ASP B 90 13.88 -37.07 -21.18
N ARG B 91 13.14 -36.58 -20.18
CA ARG B 91 13.35 -35.25 -19.61
C ARG B 91 14.64 -35.21 -18.80
N ASP B 92 15.23 -34.02 -18.65
CA ASP B 92 16.43 -33.84 -17.82
C ASP B 92 17.51 -34.81 -18.25
N CYS B 93 17.79 -34.83 -19.54
CA CYS B 93 18.70 -35.77 -20.17
C CYS B 93 20.10 -35.83 -19.61
N ALA B 94 20.68 -34.75 -19.10
CA ALA B 94 22.03 -34.76 -18.61
C ALA B 94 22.11 -34.96 -17.10
N ALA B 95 21.00 -35.33 -16.47
CA ALA B 95 21.00 -35.53 -15.01
C ALA B 95 20.07 -36.65 -14.61
N ALA B 96 20.04 -37.06 -13.34
CA ALA B 96 19.16 -38.14 -12.90
C ALA B 96 17.96 -37.66 -12.11
N ALA B 97 18.17 -36.53 -11.43
CA ALA B 97 17.31 -36.03 -10.38
C ALA B 97 15.86 -35.74 -10.77
N SER B 98 15.70 -35.22 -11.98
CA SER B 98 14.35 -34.86 -12.43
C SER B 98 13.87 -35.67 -13.61
N ASN B 99 14.36 -36.91 -13.77
CA ASN B 99 13.82 -37.77 -14.82
C ASN B 99 12.30 -37.78 -14.74
N GLY B 100 11.64 -37.63 -15.88
CA GLY B 100 10.21 -37.59 -16.00
C GLY B 100 9.49 -38.93 -16.06
N GLU B 101 8.16 -38.85 -16.17
CA GLU B 101 7.29 -40.01 -16.21
C GLU B 101 7.29 -40.69 -17.56
N TRP B 102 7.63 -39.98 -18.64
CA TRP B 102 7.55 -40.61 -19.95
C TRP B 102 8.91 -40.82 -20.61
N ALA B 103 8.97 -41.88 -21.42
CA ALA B 103 10.20 -42.20 -22.14
C ALA B 103 9.88 -42.29 -23.64
N ILE B 104 10.82 -41.88 -24.45
CA ILE B 104 10.67 -41.93 -25.90
C ILE B 104 10.45 -43.37 -26.36
N ALA B 105 11.15 -44.33 -25.76
CA ALA B 105 11.01 -45.74 -26.09
C ALA B 105 9.67 -46.35 -25.72
N ASN B 106 8.82 -45.65 -24.98
CA ASN B 106 7.51 -46.18 -24.61
C ASN B 106 6.40 -45.18 -24.94
N ASN B 107 6.38 -44.77 -26.21
CA ASN B 107 5.38 -43.84 -26.71
C ASN B 107 5.42 -42.46 -26.07
N GLY B 108 6.60 -41.97 -25.71
CA GLY B 108 6.73 -40.65 -25.12
C GLY B 108 6.36 -39.50 -26.05
N VAL B 109 6.69 -39.60 -27.33
CA VAL B 109 6.40 -38.53 -28.28
C VAL B 109 4.91 -38.25 -28.37
N ASN B 110 4.14 -39.31 -28.59
CA ASN B 110 2.69 -39.26 -28.68
C ASN B 110 2.05 -38.83 -27.37
N ASN B 111 2.61 -39.30 -26.26
CA ASN B 111 2.10 -38.90 -24.94
C ASN B 111 2.27 -37.39 -24.80
N TYR B 112 3.41 -36.88 -25.20
CA TYR B 112 3.72 -35.45 -25.09
C TYR B 112 2.84 -34.60 -25.98
N LYS B 113 2.65 -35.01 -27.24
CA LYS B 113 1.78 -34.28 -28.16
C LYS B 113 0.35 -34.20 -27.65
N ALA B 114 -0.15 -35.24 -27.00
CA ALA B 114 -1.47 -35.20 -26.38
C ALA B 114 -1.50 -34.21 -25.23
N TYR B 115 -0.44 -34.17 -24.43
CA TYR B 115 -0.32 -33.25 -23.30
C TYR B 115 -0.32 -31.80 -23.76
N ILE B 116 0.48 -31.44 -24.75
CA ILE B 116 0.45 -30.08 -25.31
C ILE B 116 -0.93 -29.76 -25.90
N ASN B 117 -1.50 -30.72 -26.63
CA ASN B 117 -2.84 -30.50 -27.19
C ASN B 117 -3.89 -30.23 -26.12
N ARG B 118 -3.85 -30.97 -25.01
CA ARG B 118 -4.85 -30.76 -23.96
C ARG B 118 -4.62 -29.41 -23.31
N ILE B 119 -3.35 -29.10 -23.01
CA ILE B 119 -3.02 -27.76 -22.54
C ILE B 119 -3.57 -26.71 -23.50
N ARG B 120 -3.39 -26.86 -24.81
CA ARG B 120 -3.94 -25.93 -25.78
C ARG B 120 -5.45 -25.78 -25.65
N GLU B 121 -6.18 -26.89 -25.56
CA GLU B 121 -7.65 -26.78 -25.39
C GLU B 121 -8.04 -26.00 -24.14
N ILE B 122 -7.36 -26.30 -23.04
CA ILE B 122 -7.63 -25.61 -21.78
C ILE B 122 -7.29 -24.13 -21.87
N LEU B 123 -6.13 -23.79 -22.48
CA LEU B 123 -5.84 -22.36 -22.64
C LEU B 123 -6.87 -21.68 -23.53
N ILE B 124 -7.32 -22.34 -24.57
CA ILE B 124 -8.38 -21.75 -25.42
C ILE B 124 -9.64 -21.51 -24.62
N SER B 125 -10.05 -22.47 -23.81
CA SER B 125 -11.25 -22.31 -22.98
C SER B 125 -11.10 -21.14 -22.02
N PHE B 126 -9.89 -20.94 -21.49
CA PHE B 126 -9.63 -19.83 -20.58
C PHE B 126 -8.88 -18.71 -21.27
N SER B 127 -9.30 -18.34 -22.49
CA SER B 127 -8.65 -17.28 -23.25
C SER B 127 -8.95 -15.88 -22.74
N ASP B 128 -9.83 -15.79 -21.72
CA ASP B 128 -10.04 -14.57 -20.97
C ASP B 128 -8.96 -14.32 -19.92
N VAL B 129 -8.14 -15.34 -19.63
CA VAL B 129 -7.09 -15.22 -18.62
C VAL B 129 -5.72 -15.05 -19.26
N ARG B 130 -5.06 -13.92 -19.04
CA ARG B 130 -3.72 -13.71 -19.63
C ARG B 130 -2.79 -14.77 -19.04
N THR B 131 -2.11 -15.52 -19.88
CA THR B 131 -1.26 -16.61 -19.43
C THR B 131 0.18 -16.50 -19.93
N ILE B 132 1.13 -16.60 -18.99
CA ILE B 132 2.55 -16.49 -19.32
C ILE B 132 3.15 -17.88 -19.15
N LEU B 133 3.82 -18.32 -20.22
CA LEU B 133 4.41 -19.66 -20.16
C LEU B 133 5.93 -19.67 -20.28
N VAL B 134 6.52 -20.56 -19.46
CA VAL B 134 7.94 -20.89 -19.66
C VAL B 134 7.97 -22.29 -20.25
N ILE B 135 8.63 -22.48 -21.39
CA ILE B 135 8.65 -23.77 -22.08
C ILE B 135 9.90 -24.59 -21.78
N GLU B 136 9.70 -25.73 -21.14
CA GLU B 136 10.68 -26.76 -20.87
C GLU B 136 12.09 -26.38 -20.47
N PRO B 137 12.23 -25.93 -19.22
CA PRO B 137 13.54 -25.63 -18.66
C PRO B 137 14.56 -26.73 -18.89
N ASP B 138 15.79 -26.34 -19.21
CA ASP B 138 16.97 -27.11 -19.45
C ASP B 138 17.07 -27.85 -20.78
N SER B 139 15.98 -28.11 -21.47
CA SER B 139 15.95 -28.92 -22.68
C SER B 139 16.85 -28.44 -23.81
N LEU B 140 16.65 -27.21 -24.27
CA LEU B 140 17.49 -26.70 -25.35
C LEU B 140 18.92 -26.42 -24.91
N ALA B 141 19.11 -26.02 -23.65
CA ALA B 141 20.46 -25.79 -23.12
C ALA B 141 21.21 -27.10 -23.12
N ASN B 142 20.58 -28.24 -22.84
CA ASN B 142 21.25 -29.52 -22.95
C ASN B 142 21.61 -29.84 -24.41
N MET B 143 20.83 -29.35 -25.37
CA MET B 143 21.15 -29.59 -26.77
C MET B 143 22.37 -28.80 -27.21
N VAL B 144 22.64 -27.67 -26.57
CA VAL B 144 23.83 -26.87 -26.88
C VAL B 144 25.11 -27.50 -26.35
N THR B 145 25.19 -27.79 -25.05
CA THR B 145 26.39 -28.34 -24.45
C THR B 145 26.44 -29.83 -24.18
N ASN B 146 25.33 -30.56 -24.13
CA ASN B 146 25.40 -31.96 -23.74
C ASN B 146 25.02 -32.96 -24.81
N MET B 147 25.31 -32.66 -26.07
CA MET B 147 24.97 -33.60 -27.14
C MET B 147 25.65 -34.94 -27.02
N ASN B 148 26.84 -35.03 -26.44
CA ASN B 148 27.58 -36.26 -26.25
C ASN B 148 27.09 -37.11 -25.09
N VAL B 149 26.24 -36.53 -24.25
CA VAL B 149 25.63 -37.33 -23.21
C VAL B 149 24.62 -38.22 -23.94
N PRO B 150 24.80 -39.53 -23.79
CA PRO B 150 23.97 -40.52 -24.46
C PRO B 150 22.47 -40.27 -24.39
N LYS B 151 21.90 -39.94 -23.24
CA LYS B 151 20.46 -39.70 -23.18
C LYS B 151 20.10 -38.44 -23.97
N CYS B 152 20.96 -37.42 -23.98
CA CYS B 152 20.68 -36.21 -24.73
C CYS B 152 20.78 -36.44 -26.23
N SER B 153 21.89 -37.03 -26.69
CA SER B 153 21.97 -37.27 -28.16
C SER B 153 20.81 -38.11 -28.64
N GLY B 154 20.33 -39.09 -27.86
CA GLY B 154 19.22 -39.95 -28.18
C GLY B 154 17.86 -39.23 -28.20
N ALA B 155 17.79 -38.07 -27.53
CA ALA B 155 16.54 -37.32 -27.47
C ALA B 155 16.55 -36.04 -28.30
N ALA B 156 17.67 -35.63 -28.82
CA ALA B 156 17.85 -34.40 -29.59
C ALA B 156 16.79 -34.17 -30.66
N SER B 157 16.64 -35.12 -31.60
CA SER B 157 15.63 -34.93 -32.64
C SER B 157 14.21 -34.88 -32.06
N THR B 158 13.93 -35.56 -30.96
CA THR B 158 12.63 -35.51 -30.30
C THR B 158 12.44 -34.16 -29.61
N TYR B 159 13.45 -33.66 -28.90
CA TYR B 159 13.34 -32.33 -28.28
C TYR B 159 13.06 -31.25 -29.33
N ARG B 160 13.81 -31.24 -30.44
CA ARG B 160 13.63 -30.22 -31.47
C ARG B 160 12.22 -30.24 -32.06
N GLU B 161 11.70 -31.41 -32.40
CA GLU B 161 10.37 -31.56 -32.96
C GLU B 161 9.24 -31.20 -31.99
N LEU B 162 9.39 -31.64 -30.74
CA LEU B 162 8.38 -31.37 -29.71
C LEU B 162 8.43 -29.93 -29.24
N THR B 163 9.60 -29.29 -29.33
CA THR B 163 9.71 -27.87 -29.03
C THR B 163 8.91 -27.08 -30.06
N ILE B 164 9.19 -27.34 -31.34
CA ILE B 164 8.45 -26.63 -32.41
C ILE B 164 6.98 -26.94 -32.31
N TYR B 165 6.59 -28.17 -31.98
CA TYR B 165 5.19 -28.54 -31.82
C TYR B 165 4.52 -27.71 -30.74
N ALA B 166 5.20 -27.55 -29.59
CA ALA B 166 4.64 -26.75 -28.51
C ALA B 166 4.58 -25.28 -28.87
N LEU B 167 5.60 -24.74 -29.54
CA LEU B 167 5.61 -23.32 -29.87
C LEU B 167 4.46 -22.98 -30.83
N LYS B 168 4.14 -23.90 -31.74
CA LYS B 168 3.03 -23.62 -32.66
C LYS B 168 1.65 -23.88 -32.09
N GLN B 169 1.49 -24.91 -31.28
CA GLN B 169 0.21 -25.23 -30.67
C GLN B 169 -0.17 -24.23 -29.59
N LEU B 170 0.79 -23.67 -28.87
CA LEU B 170 0.43 -22.74 -27.81
C LEU B 170 0.52 -21.30 -28.26
N ASP B 171 0.63 -21.08 -29.58
CA ASP B 171 0.68 -19.74 -30.15
C ASP B 171 -0.73 -19.17 -30.19
N LEU B 172 -1.19 -18.68 -29.04
CA LEU B 172 -2.54 -18.13 -28.89
C LEU B 172 -2.53 -16.66 -28.57
N PRO B 173 -3.62 -15.95 -28.85
CA PRO B 173 -3.69 -14.52 -28.67
C PRO B 173 -3.42 -14.03 -27.26
N HIS B 174 -3.82 -14.80 -26.24
CA HIS B 174 -3.67 -14.33 -24.87
C HIS B 174 -2.48 -14.95 -24.15
N VAL B 175 -1.62 -15.62 -24.90
CA VAL B 175 -0.47 -16.31 -24.32
C VAL B 175 0.86 -15.66 -24.68
N ALA B 176 1.78 -15.61 -23.71
CA ALA B 176 3.13 -15.10 -24.00
C ALA B 176 4.08 -16.24 -23.62
N MET B 177 4.96 -16.67 -24.51
CA MET B 177 5.86 -17.78 -24.25
C MET B 177 7.31 -17.34 -24.17
N TYR B 178 8.04 -17.97 -23.24
CA TYR B 178 9.48 -17.74 -23.11
C TYR B 178 10.16 -19.09 -23.12
N MET B 179 11.08 -19.40 -24.06
CA MET B 179 11.72 -20.71 -24.04
C MET B 179 12.85 -20.63 -22.98
N ASP B 180 13.09 -21.70 -22.27
CA ASP B 180 14.20 -21.69 -21.30
C ASP B 180 15.53 -21.57 -22.03
N ALA B 181 16.47 -20.83 -21.43
CA ALA B 181 17.77 -20.61 -22.01
C ALA B 181 18.91 -20.64 -21.01
N GLY B 182 18.86 -21.60 -20.08
CA GLY B 182 19.97 -21.77 -19.14
C GLY B 182 20.24 -20.52 -18.32
N HIS B 183 21.54 -20.23 -18.13
CA HIS B 183 21.91 -19.12 -17.25
C HIS B 183 23.34 -18.68 -17.60
N ALA B 184 23.84 -17.67 -16.92
CA ALA B 184 25.15 -17.12 -17.24
C ALA B 184 26.31 -18.09 -17.07
N GLY B 185 26.21 -19.02 -16.14
CA GLY B 185 27.22 -20.05 -15.90
C GLY B 185 27.05 -21.31 -16.71
N TRP B 186 26.11 -21.33 -17.65
CA TRP B 186 25.87 -22.47 -18.51
C TRP B 186 26.13 -21.99 -19.94
N LEU B 187 25.18 -21.25 -20.52
CA LEU B 187 25.33 -20.77 -21.88
C LEU B 187 26.03 -19.43 -22.00
N GLY B 188 26.31 -18.78 -20.88
CA GLY B 188 26.91 -17.46 -20.84
C GLY B 188 28.41 -17.47 -21.12
N TRP B 189 29.02 -18.64 -20.95
CA TRP B 189 30.46 -18.74 -21.21
C TRP B 189 30.71 -18.37 -22.65
N PRO B 190 31.78 -17.63 -22.91
CA PRO B 190 32.12 -17.19 -24.26
C PRO B 190 32.12 -18.29 -25.29
N ALA B 191 32.57 -19.49 -25.00
CA ALA B 191 32.54 -20.58 -25.97
C ALA B 191 31.14 -21.15 -26.21
N ASN B 192 30.21 -20.98 -25.28
CA ASN B 192 28.87 -21.54 -25.42
C ASN B 192 27.82 -20.57 -25.94
N ILE B 193 28.03 -19.27 -25.80
CA ILE B 193 26.97 -18.30 -26.10
C ILE B 193 26.65 -18.22 -27.58
N GLN B 194 27.68 -18.28 -28.46
CA GLN B 194 27.41 -18.22 -29.89
C GLN B 194 26.66 -19.42 -30.41
N PRO B 195 27.05 -20.64 -30.08
CA PRO B 195 26.30 -21.83 -30.48
C PRO B 195 24.89 -21.78 -29.89
N ALA B 196 24.73 -21.24 -28.68
CA ALA B 196 23.38 -21.09 -28.11
C ALA B 196 22.54 -20.14 -28.94
N ALA B 197 23.08 -18.99 -29.35
CA ALA B 197 22.30 -18.06 -30.18
C ALA B 197 21.90 -18.71 -31.50
N GLU B 198 22.81 -19.45 -32.15
CA GLU B 198 22.51 -20.14 -33.38
C GLU B 198 21.38 -21.15 -33.19
N LEU B 199 21.42 -21.94 -32.13
CA LEU B 199 20.42 -22.94 -31.84
C LEU B 199 19.04 -22.31 -31.58
N PHE B 200 18.96 -21.34 -30.69
CA PHE B 200 17.67 -20.75 -30.33
C PHE B 200 17.05 -20.01 -31.50
N ALA B 201 17.88 -19.28 -32.26
CA ALA B 201 17.37 -18.53 -33.40
C ALA B 201 16.79 -19.45 -34.46
N LYS B 202 17.45 -20.57 -34.69
CA LYS B 202 17.06 -21.58 -35.67
C LYS B 202 15.73 -22.21 -35.27
N ILE B 203 15.57 -22.52 -33.98
CA ILE B 203 14.32 -23.09 -33.50
C ILE B 203 13.19 -22.12 -33.80
N TYR B 204 13.39 -20.85 -33.50
CA TYR B 204 12.40 -19.81 -33.72
C TYR B 204 12.01 -19.72 -35.20
N GLU B 205 13.00 -19.70 -36.08
CA GLU B 205 12.74 -19.63 -37.52
C GLU B 205 11.96 -20.85 -38.00
N ASP B 206 12.38 -22.02 -37.55
CA ASP B 206 11.77 -23.29 -37.90
C ASP B 206 10.36 -23.47 -37.35
N ALA B 207 9.98 -22.72 -36.30
CA ALA B 207 8.64 -22.75 -35.78
C ALA B 207 7.74 -21.72 -36.48
N GLY B 208 8.27 -21.00 -37.45
CA GLY B 208 7.51 -20.00 -38.19
C GLY B 208 7.43 -18.67 -37.48
N LYS B 209 8.27 -18.44 -36.48
CA LYS B 209 8.33 -17.24 -35.68
C LYS B 209 6.98 -16.85 -35.09
N PRO B 210 6.38 -17.75 -34.31
CA PRO B 210 5.05 -17.50 -33.75
C PRO B 210 4.98 -16.18 -33.03
N ARG B 211 3.89 -15.43 -33.22
CA ARG B 211 3.71 -14.14 -32.56
C ARG B 211 3.70 -14.26 -31.03
N ALA B 212 3.21 -15.36 -30.47
CA ALA B 212 3.12 -15.51 -29.03
C ALA B 212 4.50 -15.76 -28.39
N VAL B 213 5.51 -16.10 -29.17
CA VAL B 213 6.84 -16.31 -28.57
C VAL B 213 7.43 -14.95 -28.27
N ARG B 214 7.55 -14.60 -27.00
CA ARG B 214 8.03 -13.29 -26.57
C ARG B 214 9.54 -13.27 -26.39
N GLY B 215 10.09 -14.43 -26.03
CA GLY B 215 11.52 -14.43 -25.75
C GLY B 215 12.01 -15.66 -25.01
N LEU B 216 12.94 -15.39 -24.07
CA LEU B 216 13.61 -16.45 -23.34
C LEU B 216 13.59 -16.18 -21.84
N ALA B 217 13.70 -17.25 -21.06
CA ALA B 217 13.77 -17.18 -19.62
C ALA B 217 15.17 -17.59 -19.17
N THR B 218 15.78 -16.90 -18.21
CA THR B 218 17.12 -17.35 -17.76
C THR B 218 17.14 -17.51 -16.25
N ASN B 219 18.13 -18.27 -15.77
CA ASN B 219 18.37 -18.59 -14.38
C ASN B 219 17.29 -19.47 -13.76
N VAL B 220 16.48 -20.18 -14.56
CA VAL B 220 15.41 -21.01 -13.96
C VAL B 220 16.02 -22.14 -13.12
N ALA B 221 15.55 -22.22 -11.85
CA ALA B 221 16.07 -23.19 -10.91
C ALA B 221 17.55 -23.02 -10.61
N ASN B 222 18.09 -21.82 -10.83
CA ASN B 222 19.50 -21.56 -10.51
C ASN B 222 19.53 -20.34 -9.59
N TYR B 223 20.75 -19.94 -9.23
CA TYR B 223 20.90 -18.98 -8.15
C TYR B 223 21.69 -17.72 -8.52
N ASN B 224 21.97 -17.51 -9.79
CA ASN B 224 22.78 -16.34 -10.14
C ASN B 224 22.12 -15.04 -9.72
N ALA B 225 22.96 -14.01 -9.56
CA ALA B 225 22.46 -12.67 -9.35
C ALA B 225 21.97 -12.04 -10.65
N TRP B 226 21.03 -11.11 -10.53
CA TRP B 226 20.62 -10.35 -11.72
C TRP B 226 21.82 -9.42 -11.95
N SER B 227 22.19 -8.73 -10.86
CA SER B 227 23.31 -7.80 -10.93
C SER B 227 24.06 -7.69 -9.61
N VAL B 228 25.32 -8.06 -9.62
CA VAL B 228 26.15 -8.04 -8.43
C VAL B 228 27.41 -7.24 -8.76
N SER B 229 27.91 -6.39 -7.88
CA SER B 229 29.07 -5.57 -8.21
C SER B 229 30.36 -6.35 -8.38
N SER B 230 30.56 -7.38 -7.56
CA SER B 230 31.81 -8.14 -7.64
C SER B 230 31.54 -9.58 -8.02
N PRO B 231 32.27 -10.12 -8.99
CA PRO B 231 32.11 -11.48 -9.41
C PRO B 231 32.36 -12.45 -8.28
N PRO B 232 31.38 -13.31 -8.01
CA PRO B 232 31.57 -14.37 -7.03
C PRO B 232 32.77 -15.16 -7.52
N PRO B 233 33.61 -15.67 -6.64
CA PRO B 233 34.81 -16.40 -7.01
C PRO B 233 34.63 -17.64 -7.87
N TYR B 234 33.53 -18.38 -7.76
CA TYR B 234 33.27 -19.54 -8.59
C TYR B 234 32.88 -19.20 -10.02
N THR B 235 32.73 -17.92 -10.37
CA THR B 235 32.40 -17.53 -11.72
C THR B 235 33.64 -17.26 -12.57
N SER B 236 34.81 -17.10 -11.95
CA SER B 236 36.01 -16.83 -12.79
C SER B 236 36.35 -18.05 -13.61
N PRO B 237 36.82 -17.85 -14.84
CA PRO B 237 37.03 -16.56 -15.45
C PRO B 237 36.01 -16.09 -16.48
N ASN B 238 34.73 -16.36 -16.21
CA ASN B 238 33.67 -15.95 -17.13
C ASN B 238 33.44 -14.46 -16.96
N PRO B 239 33.50 -13.70 -18.06
CA PRO B 239 33.20 -12.29 -18.04
C PRO B 239 31.71 -12.05 -17.81
N ASN B 240 30.88 -13.04 -18.14
CA ASN B 240 29.43 -12.94 -17.92
C ASN B 240 29.09 -13.58 -16.58
N TYR B 241 29.35 -12.87 -15.49
CA TYR B 241 29.24 -13.49 -14.17
C TYR B 241 27.90 -13.31 -13.47
N ASP B 242 26.95 -12.73 -14.16
CA ASP B 242 25.60 -12.57 -13.61
C ASP B 242 24.62 -12.48 -14.77
N GLU B 243 23.32 -12.56 -14.50
CA GLU B 243 22.34 -12.52 -15.60
C GLU B 243 22.31 -11.28 -16.43
N LYS B 244 22.51 -10.09 -15.86
CA LYS B 244 22.55 -8.87 -16.65
C LYS B 244 23.65 -8.94 -17.70
N HIS B 245 24.85 -9.41 -17.34
CA HIS B 245 25.95 -9.50 -18.31
C HIS B 245 25.63 -10.52 -19.39
N TYR B 246 25.13 -11.68 -18.96
CA TYR B 246 24.71 -12.71 -19.90
C TYR B 246 23.72 -12.15 -20.91
N ILE B 247 22.61 -11.60 -20.45
CA ILE B 247 21.59 -11.05 -21.37
C ILE B 247 22.10 -9.93 -22.26
N GLU B 248 22.94 -9.03 -21.74
CA GLU B 248 23.48 -7.96 -22.58
C GLU B 248 24.38 -8.49 -23.67
N ALA B 249 25.06 -9.59 -23.46
CA ALA B 249 25.89 -10.21 -24.50
C ALA B 249 25.09 -11.10 -25.44
N PHE B 250 24.05 -11.77 -24.92
CA PHE B 250 23.28 -12.73 -25.70
C PHE B 250 22.25 -12.12 -26.65
N ARG B 251 21.59 -11.06 -26.24
CA ARG B 251 20.52 -10.44 -27.05
C ARG B 251 21.03 -10.02 -28.42
N PRO B 252 22.12 -9.26 -28.47
CA PRO B 252 22.74 -8.88 -29.73
C PRO B 252 22.96 -10.05 -30.67
N LEU B 253 23.46 -11.20 -30.18
CA LEU B 253 23.70 -12.37 -30.98
C LEU B 253 22.42 -13.04 -31.49
N LEU B 254 21.39 -13.04 -30.65
CA LEU B 254 20.13 -13.63 -31.10
C LEU B 254 19.46 -12.70 -32.12
N GLU B 255 19.44 -11.41 -31.86
CA GLU B 255 18.80 -10.41 -32.70
C GLU B 255 19.40 -10.36 -34.10
N ALA B 256 20.70 -10.63 -34.19
CA ALA B 256 21.40 -10.63 -35.48
C ALA B 256 21.03 -11.87 -36.27
N ARG B 257 20.46 -12.90 -35.64
CA ARG B 257 20.05 -14.13 -36.28
C ARG B 257 18.53 -14.21 -36.46
N GLY B 258 17.86 -13.08 -36.29
CA GLY B 258 16.44 -12.96 -36.51
C GLY B 258 15.54 -13.11 -35.30
N PHE B 259 16.10 -13.23 -34.11
CA PHE B 259 15.28 -13.40 -32.90
C PHE B 259 15.54 -12.37 -31.84
N PRO B 260 14.88 -11.23 -31.81
CA PRO B 260 15.12 -10.20 -30.83
C PRO B 260 14.36 -10.52 -29.54
N ALA B 261 14.80 -11.58 -28.86
CA ALA B 261 14.12 -12.09 -27.67
C ALA B 261 14.05 -11.09 -26.52
N GLN B 262 12.88 -11.01 -25.87
CA GLN B 262 12.77 -10.27 -24.61
C GLN B 262 12.99 -11.32 -23.50
N PHE B 263 13.42 -10.89 -22.31
CA PHE B 263 13.80 -11.87 -21.30
C PHE B 263 13.04 -11.76 -19.98
N ILE B 264 12.88 -12.92 -19.32
CA ILE B 264 12.45 -12.91 -17.92
C ILE B 264 13.54 -13.67 -17.15
N VAL B 265 13.85 -13.22 -15.94
CA VAL B 265 14.93 -13.81 -15.16
C VAL B 265 14.43 -14.31 -13.79
N ASP B 266 14.76 -15.56 -13.50
CA ASP B 266 14.37 -16.14 -12.20
C ASP B 266 15.27 -15.59 -11.10
N GLN B 267 14.72 -15.10 -10.01
CA GLN B 267 15.47 -14.55 -8.87
C GLN B 267 14.96 -15.15 -7.56
N GLY B 268 14.13 -16.20 -7.69
CA GLY B 268 13.58 -16.86 -6.53
C GLY B 268 14.55 -17.42 -5.51
N ARG B 269 15.80 -17.77 -5.90
CA ARG B 269 16.77 -18.30 -4.96
C ARG B 269 18.11 -17.58 -5.19
N SER B 270 18.03 -16.28 -5.47
CA SER B 270 19.17 -15.44 -5.82
C SER B 270 19.48 -14.34 -4.82
N GLY B 271 18.82 -14.29 -3.67
CA GLY B 271 18.98 -13.22 -2.72
C GLY B 271 20.32 -13.10 -2.03
N LYS B 272 21.06 -14.18 -1.80
CA LYS B 272 22.34 -14.10 -1.07
C LYS B 272 23.46 -14.40 -2.05
N GLN B 273 24.39 -13.45 -2.15
CA GLN B 273 25.53 -13.51 -3.04
C GLN B 273 26.82 -13.07 -2.33
N PRO B 274 27.88 -13.81 -2.54
CA PRO B 274 27.93 -15.03 -3.28
C PRO B 274 27.11 -16.12 -2.58
N THR B 275 26.85 -17.20 -3.29
CA THR B 275 26.08 -18.29 -2.69
C THR B 275 27.05 -19.19 -1.94
N GLY B 276 26.60 -20.34 -1.46
CA GLY B 276 27.50 -21.30 -0.82
C GLY B 276 28.08 -22.30 -1.80
N GLN B 277 27.83 -22.15 -3.09
CA GLN B 277 28.36 -23.09 -4.08
C GLN B 277 29.89 -23.10 -4.06
N LYS B 278 30.47 -24.28 -4.08
CA LYS B 278 31.94 -24.35 -4.15
C LYS B 278 32.40 -24.21 -5.59
N GLU B 279 31.58 -24.67 -6.53
CA GLU B 279 31.81 -24.62 -7.96
C GLU B 279 30.53 -24.06 -8.59
N TRP B 280 30.62 -23.36 -9.70
CA TRP B 280 29.43 -22.76 -10.32
C TRP B 280 28.45 -23.77 -10.89
N GLY B 281 28.92 -24.97 -11.23
CA GLY B 281 28.10 -26.03 -11.77
C GLY B 281 27.35 -26.86 -10.74
N HIS B 282 27.45 -26.49 -9.47
CA HIS B 282 26.76 -27.21 -8.41
C HIS B 282 25.35 -26.63 -8.29
N TRP B 283 24.41 -27.24 -9.02
CA TRP B 283 23.06 -26.74 -9.10
C TRP B 283 22.06 -27.33 -8.11
N CYS B 284 22.42 -28.37 -7.39
CA CYS B 284 21.41 -29.07 -6.58
C CYS B 284 21.32 -28.68 -5.13
N ASN B 285 20.12 -28.19 -4.74
CA ASN B 285 19.87 -27.82 -3.34
C ASN B 285 21.05 -27.09 -2.74
N ALA B 286 21.53 -26.02 -3.40
CA ALA B 286 22.73 -25.33 -2.95
C ALA B 286 22.60 -24.60 -1.62
N ILE B 287 23.60 -24.82 -0.74
CA ILE B 287 23.59 -24.15 0.56
C ILE B 287 23.93 -22.67 0.38
N GLY B 288 23.62 -21.86 1.39
CA GLY B 288 23.98 -20.45 1.34
C GLY B 288 23.21 -19.59 0.39
N THR B 289 21.96 -19.97 0.08
CA THR B 289 21.15 -19.19 -0.86
C THR B 289 19.95 -18.61 -0.12
N GLY B 290 19.31 -17.60 -0.71
CA GLY B 290 18.15 -16.99 -0.09
C GLY B 290 17.13 -16.54 -1.13
N PHE B 291 15.89 -16.34 -0.68
CA PHE B 291 14.83 -15.87 -1.58
C PHE B 291 15.34 -14.51 -2.11
N GLY B 292 15.12 -14.16 -3.36
CA GLY B 292 15.64 -12.88 -3.85
C GLY B 292 14.59 -11.86 -4.22
N MET B 293 14.97 -11.01 -5.16
CA MET B 293 14.11 -9.94 -5.67
C MET B 293 12.69 -10.43 -5.97
N ARG B 294 11.69 -9.75 -5.44
CA ARG B 294 10.29 -10.13 -5.67
C ARG B 294 9.86 -9.90 -7.11
N PRO B 295 8.94 -10.71 -7.63
CA PRO B 295 8.46 -10.62 -9.00
C PRO B 295 7.98 -9.22 -9.34
N THR B 296 8.39 -8.72 -10.50
CA THR B 296 7.99 -7.37 -10.89
C THR B 296 8.28 -7.07 -12.35
N ALA B 297 7.45 -6.18 -12.92
CA ALA B 297 7.67 -5.80 -14.31
C ALA B 297 8.61 -4.58 -14.36
N ASN B 298 8.92 -3.98 -13.23
CA ASN B 298 9.80 -2.80 -13.24
C ASN B 298 11.25 -3.20 -13.02
N THR B 299 11.89 -3.62 -14.10
CA THR B 299 13.26 -4.10 -14.09
C THR B 299 14.36 -3.08 -14.30
N GLY B 300 14.01 -1.94 -14.88
CA GLY B 300 14.99 -0.92 -15.22
C GLY B 300 15.90 -1.38 -16.36
N HIS B 301 15.44 -2.25 -17.25
CA HIS B 301 16.24 -2.78 -18.32
C HIS B 301 15.39 -3.10 -19.55
N GLN B 302 15.77 -2.57 -20.70
CA GLN B 302 15.09 -2.71 -21.96
C GLN B 302 14.83 -4.12 -22.43
N TYR B 303 15.75 -5.04 -22.13
CA TYR B 303 15.64 -6.39 -22.65
C TYR B 303 14.84 -7.31 -21.74
N VAL B 304 14.59 -6.84 -20.52
CA VAL B 304 13.98 -7.71 -19.50
C VAL B 304 12.56 -7.28 -19.17
N ASP B 305 11.60 -8.14 -19.54
CA ASP B 305 10.20 -7.86 -19.21
C ASP B 305 9.91 -7.91 -17.72
N ALA B 306 10.56 -8.83 -17.01
CA ALA B 306 10.29 -8.94 -15.60
C ALA B 306 11.27 -9.80 -14.83
N PHE B 307 11.32 -9.58 -13.52
CA PHE B 307 12.09 -10.42 -12.60
C PHE B 307 11.00 -11.34 -12.01
N VAL B 308 11.18 -12.65 -12.12
CA VAL B 308 10.15 -13.60 -11.68
C VAL B 308 10.74 -14.64 -10.74
N TRP B 309 9.86 -15.46 -10.19
CA TRP B 309 10.20 -16.61 -9.36
C TRP B 309 9.68 -17.85 -10.11
N VAL B 310 10.53 -18.48 -10.92
CA VAL B 310 10.10 -19.63 -11.70
C VAL B 310 10.18 -20.90 -10.85
N LYS B 311 11.39 -21.25 -10.39
CA LYS B 311 11.48 -22.37 -9.45
C LYS B 311 10.93 -21.93 -8.08
N PRO B 312 9.96 -22.64 -7.51
CA PRO B 312 9.41 -22.30 -6.20
C PRO B 312 10.36 -22.76 -5.10
N GLY B 313 11.02 -21.81 -4.45
CA GLY B 313 11.99 -22.13 -3.40
C GLY B 313 11.32 -22.95 -2.29
N GLY B 314 11.95 -24.08 -1.97
CA GLY B 314 11.38 -24.99 -0.96
C GLY B 314 11.04 -26.34 -1.59
N GLU B 315 10.71 -26.34 -2.89
CA GLU B 315 10.50 -27.59 -3.62
C GLU B 315 11.87 -28.11 -4.05
N CYS B 316 12.17 -29.36 -3.73
CA CYS B 316 13.52 -29.90 -3.86
C CYS B 316 14.04 -30.01 -5.29
N ASP B 317 15.37 -30.00 -5.45
CA ASP B 317 15.96 -30.19 -6.76
C ASP B 317 16.34 -31.66 -7.02
N GLY B 318 16.36 -32.50 -6.00
CA GLY B 318 16.78 -33.89 -6.18
C GLY B 318 17.16 -34.57 -4.87
N THR B 319 16.92 -35.89 -4.85
CA THR B 319 17.15 -36.69 -3.66
C THR B 319 18.63 -36.89 -3.35
N SER B 320 18.93 -36.98 -2.05
CA SER B 320 20.32 -37.20 -1.65
C SER B 320 20.50 -38.65 -1.23
N ASP B 321 19.50 -39.48 -1.45
CA ASP B 321 19.59 -40.91 -1.18
C ASP B 321 20.36 -41.60 -2.29
N THR B 322 21.60 -42.02 -2.02
CA THR B 322 22.41 -42.67 -3.05
C THR B 322 21.87 -43.97 -3.60
N THR B 323 20.91 -44.65 -2.99
CA THR B 323 20.35 -45.88 -3.55
C THR B 323 19.09 -45.65 -4.38
N ALA B 324 18.65 -44.40 -4.50
CA ALA B 324 17.43 -44.11 -5.23
C ALA B 324 17.71 -44.04 -6.73
N ALA B 325 16.70 -44.44 -7.50
CA ALA B 325 16.79 -44.46 -8.96
C ALA B 325 17.15 -43.09 -9.53
N ARG B 326 16.54 -42.02 -9.02
CA ARG B 326 16.88 -40.68 -9.49
C ARG B 326 17.99 -40.01 -8.70
N TYR B 327 18.89 -40.78 -8.06
CA TYR B 327 20.02 -40.13 -7.40
C TYR B 327 20.97 -39.52 -8.43
N ASP B 328 21.35 -38.26 -8.23
CA ASP B 328 22.31 -37.54 -9.03
C ASP B 328 23.50 -37.12 -8.15
N TYR B 329 24.71 -37.29 -8.66
CA TYR B 329 25.95 -36.92 -7.98
C TYR B 329 25.95 -35.53 -7.37
N HIS B 330 25.38 -34.56 -8.08
CA HIS B 330 25.32 -33.18 -7.62
C HIS B 330 24.53 -33.01 -6.35
N CYS B 331 23.59 -33.88 -6.01
CA CYS B 331 22.79 -33.75 -4.81
C CYS B 331 23.40 -34.35 -3.55
N GLY B 332 24.58 -35.00 -3.74
CA GLY B 332 25.29 -35.61 -2.61
C GLY B 332 26.51 -34.78 -2.25
N LEU B 333 26.73 -33.65 -2.90
CA LEU B 333 27.91 -32.84 -2.66
C LEU B 333 27.87 -32.16 -1.30
N GLU B 334 29.05 -31.68 -0.88
CA GLU B 334 29.14 -31.05 0.44
C GLU B 334 28.48 -29.68 0.50
N ASP B 335 28.22 -29.07 -0.65
CA ASP B 335 27.52 -27.79 -0.70
C ASP B 335 26.06 -27.96 -1.12
N ALA B 336 25.55 -29.19 -1.06
CA ALA B 336 24.15 -29.48 -1.28
C ALA B 336 23.50 -29.83 0.06
N LEU B 337 22.36 -29.20 0.38
CA LEU B 337 21.70 -29.47 1.65
C LEU B 337 21.13 -30.88 1.72
N LYS B 338 21.41 -31.62 2.79
CA LYS B 338 20.92 -32.98 2.98
C LYS B 338 20.48 -33.23 4.41
N PRO B 339 19.67 -34.27 4.60
CA PRO B 339 19.15 -35.11 3.56
C PRO B 339 18.03 -34.45 2.77
N ALA B 340 17.99 -34.75 1.48
CA ALA B 340 16.95 -34.14 0.61
C ALA B 340 16.03 -35.18 0.01
N PRO B 341 14.74 -34.87 -0.11
CA PRO B 341 13.76 -35.76 -0.68
C PRO B 341 13.77 -35.74 -2.20
N GLU B 342 12.84 -36.40 -2.88
CA GLU B 342 12.86 -36.40 -4.35
C GLU B 342 12.64 -35.00 -4.91
N ALA B 343 13.08 -34.79 -6.14
CA ALA B 343 12.90 -33.51 -6.81
C ALA B 343 11.41 -33.18 -6.92
N GLY B 344 11.07 -31.94 -6.59
CA GLY B 344 9.64 -31.57 -6.62
C GLY B 344 8.95 -31.71 -5.28
N GLN B 345 9.43 -32.54 -4.36
CA GLN B 345 8.83 -32.69 -3.05
C GLN B 345 9.30 -31.57 -2.14
N TRP B 346 8.49 -31.27 -1.12
CA TRP B 346 8.83 -30.21 -0.19
C TRP B 346 10.06 -30.58 0.63
N PHE B 347 10.97 -29.63 0.75
CA PHE B 347 12.22 -29.81 1.52
C PHE B 347 12.23 -28.67 2.54
N ASN B 348 11.65 -28.96 3.72
CA ASN B 348 11.45 -27.91 4.70
C ASN B 348 12.74 -27.29 5.18
N GLU B 349 13.82 -28.06 5.43
CA GLU B 349 15.04 -27.38 5.86
C GLU B 349 15.57 -26.42 4.81
N TYR B 350 15.36 -26.74 3.52
CA TYR B 350 15.79 -25.84 2.47
C TYR B 350 14.91 -24.59 2.43
N PHE B 351 13.59 -24.75 2.58
CA PHE B 351 12.72 -23.58 2.69
C PHE B 351 13.19 -22.62 3.77
N ILE B 352 13.47 -23.18 4.95
CA ILE B 352 13.93 -22.37 6.09
C ILE B 352 15.24 -21.65 5.76
N GLN B 353 16.14 -22.33 5.07
CA GLN B 353 17.39 -21.68 4.65
C GLN B 353 17.07 -20.44 3.82
N LEU B 354 16.21 -20.62 2.81
CA LEU B 354 15.86 -19.51 1.94
C LEU B 354 15.29 -18.34 2.72
N LEU B 355 14.34 -18.66 3.59
CA LEU B 355 13.70 -17.64 4.42
C LEU B 355 14.70 -16.87 5.28
N ARG B 356 15.58 -17.59 5.95
CA ARG B 356 16.62 -16.99 6.75
C ARG B 356 17.58 -16.11 5.96
N ASN B 357 17.88 -16.45 4.72
CA ASN B 357 18.79 -15.68 3.89
C ASN B 357 18.05 -14.78 2.91
N ALA B 358 16.72 -14.64 3.05
CA ALA B 358 15.99 -13.81 2.10
C ALA B 358 16.52 -12.39 2.02
N ASN B 359 16.51 -11.83 0.82
CA ASN B 359 16.87 -10.43 0.59
C ASN B 359 16.15 -9.95 -0.67
N PRO B 360 15.17 -9.06 -0.55
CA PRO B 360 14.76 -8.50 0.72
C PRO B 360 14.13 -9.47 1.69
N PRO B 361 14.32 -9.17 2.98
CA PRO B 361 13.81 -9.99 4.06
C PRO B 361 12.30 -9.99 4.16
N PHE B 362 11.76 -11.06 4.73
CA PHE B 362 10.34 -11.18 4.99
C PHE B 362 10.00 -10.79 6.43
C2 BGC C . -33.18 29.46 22.03
C3 BGC C . -32.51 28.61 20.95
C4 BGC C . -31.83 27.36 21.53
C5 BGC C . -32.78 26.64 22.50
C6 BGC C . -32.04 25.53 23.25
C1 BGC C . -34.11 28.59 22.87
O1 BGC C . -34.63 29.32 23.91
O2 BGC C . -33.95 30.49 21.42
O3 BGC C . -31.62 29.44 20.27
O4 BGC C . -31.53 26.40 20.49
O5 BGC C . -33.31 27.53 23.45
O6 BGC C . -33.04 24.84 24.04
C2 BGC C . -30.06 25.03 19.24
C3 BGC C . -28.65 24.97 18.72
C4 BGC C . -28.31 26.21 17.92
C5 BGC C . -28.58 27.45 18.76
C6 BGC C . -28.36 28.75 18.06
C1 BGC C . -30.21 26.29 20.07
O2 BGC C . -30.38 23.90 20.08
O3 BGC C . -28.61 23.75 17.93
O4 BGC C . -26.92 26.26 17.55
O5 BGC C . -29.96 27.41 19.19
O6 BGC C . -28.23 29.77 19.04
C2 BGC C . -24.99 26.55 16.26
C3 BGC C . -24.42 26.49 14.85
C4 BGC C . -24.78 25.15 14.22
C5 BGC C . -26.25 24.85 14.32
C6 BGC C . -26.66 23.48 13.84
C1 BGC C . -26.49 26.27 16.21
O2 BGC C . -24.73 27.84 16.84
O3 BGC C . -23.01 26.72 15.01
O4 BGC C . -24.44 25.10 12.82
O5 BGC C . -26.65 24.93 15.70
O6 BGC C . -28.10 23.45 13.74
C2 BGC C . -23.23 24.21 11.00
C3 BGC C . -21.91 23.63 10.59
C4 BGC C . -20.74 24.44 11.07
C5 BGC C . -20.84 24.67 12.60
C6 BGC C . -19.77 25.53 13.12
C1 BGC C . -23.23 24.43 12.53
O2 BGC C . -24.29 23.31 10.69
O3 BGC C . -21.83 23.40 9.20
O4 BGC C . -19.49 23.82 10.79
O5 BGC C . -22.13 25.28 12.84
O6 BGC C . -19.91 25.89 14.47
C1 GLC D . 31.11 -25.12 -18.63
C2 GLC D . 30.11 -26.02 -19.35
C3 GLC D . 28.69 -25.75 -18.87
C4 GLC D . 28.64 -25.81 -17.35
C5 GLC D . 29.71 -24.92 -16.72
C6 GLC D . 29.79 -25.06 -15.20
O1 GLC D . 32.42 -25.46 -18.99
O2 GLC D . 30.10 -25.81 -20.74
O3 GLC D . 27.87 -26.69 -19.51
O4 GLC D . 27.35 -25.41 -16.90
O5 GLC D . 30.99 -25.26 -17.23
O6 GLC D . 30.44 -23.93 -14.65
C2 BGC D . 25.51 -25.51 -15.50
C3 BGC D . 24.46 -26.40 -14.81
C4 BGC D . 23.98 -27.48 -15.74
C5 BGC D . 25.14 -28.22 -16.41
C6 BGC D . 24.66 -29.23 -17.46
C1 BGC D . 26.60 -26.35 -16.18
O2 BGC D . 26.04 -24.68 -14.50
O3 BGC D . 23.43 -25.54 -14.36
O4 BGC D . 23.26 -28.46 -14.99
O5 BGC D . 26.01 -27.29 -17.04
O6 BGC D . 25.76 -30.06 -17.80
C2 BGC D . 21.27 -29.70 -14.65
C3 BGC D . 19.76 -29.59 -14.54
C4 BGC D . 19.43 -28.36 -13.69
C5 BGC D . 20.08 -27.09 -14.25
C6 BGC D . 19.76 -25.87 -13.37
C1 BGC D . 21.86 -28.37 -15.12
O2 BGC D . 21.63 -30.68 -15.59
O3 BGC D . 19.18 -30.75 -13.98
O4 BGC D . 18.02 -28.18 -13.65
O5 BGC D . 21.48 -27.33 -14.21
O6 BGC D . 20.48 -24.71 -13.73
C1 NAG E . -8.79 6.37 -0.54
C2 NAG E . -9.33 5.58 -1.72
C3 NAG E . -8.58 4.27 -1.88
C4 NAG E . -7.06 4.54 -1.91
C5 NAG E . -6.66 5.37 -0.67
C6 NAG E . -5.19 5.64 -0.66
C7 NAG E . -11.73 5.46 -2.41
C8 NAG E . -13.11 5.11 -1.98
N2 NAG E . -10.75 5.25 -1.52
O3 NAG E . -8.96 3.66 -3.11
O4 NAG E . -6.29 3.33 -1.90
O5 NAG E . -7.38 6.60 -0.73
O6 NAG E . -4.75 6.29 0.47
O7 NAG E . -11.50 5.87 -3.46
C2 BGC F . -14.25 22.48 4.72
C3 BGC F . -12.98 21.67 4.51
C4 BGC F . -11.77 22.37 5.13
C5 BGC F . -11.98 22.78 6.60
C6 BGC F . -10.86 23.69 7.09
C1 BGC F . -14.35 22.88 6.22
O1 BGC F . -15.44 23.75 6.39
O2 BGC F . -15.40 21.73 4.30
O3 BGC F . -12.79 21.51 3.10
O4 BGC F . -10.66 21.47 5.00
O5 BGC F . -13.20 23.59 6.68
O6 BGC F . -10.76 24.95 6.42
C1 GOL G . -18.14 41.05 25.11
O1 GOL G . -19.58 40.94 24.98
C2 GOL G . -17.70 42.38 25.72
O2 GOL G . -17.60 42.21 27.16
C3 GOL G . -16.29 42.71 25.16
O3 GOL G . -15.32 41.76 25.67
C1 GOL H . 7.29 24.88 10.44
O1 GOL H . 7.81 24.45 9.17
C2 GOL H . 8.40 25.22 11.41
O2 GOL H . 9.35 26.16 10.86
C3 GOL H . 7.75 25.69 12.70
O3 GOL H . 6.43 25.11 12.83
C1 GOL I . 5.38 34.77 -4.29
O1 GOL I . 4.78 33.73 -3.49
C2 GOL I . 5.85 35.90 -3.39
O2 GOL I . 4.76 36.36 -2.56
C3 GOL I . 6.42 37.03 -4.28
O3 GOL I . 7.48 36.48 -5.10
C1 GOL J . -32.83 29.99 -6.47
O1 GOL J . -33.41 29.18 -5.44
C2 GOL J . -33.33 31.44 -6.42
O2 GOL J . -32.18 32.29 -6.21
C3 GOL J . -33.99 31.78 -7.76
O3 GOL J . -33.01 32.28 -8.71
C1 GOL K . 3.08 13.60 26.97
O1 GOL K . 2.70 14.81 27.69
C2 GOL K . 1.90 12.72 26.62
O2 GOL K . 0.71 13.51 26.38
C3 GOL K . 2.12 11.82 25.39
O3 GOL K . 0.78 11.32 24.98
C1 GOL L . -30.88 25.00 0.13
O1 GOL L . -30.82 25.02 -1.31
C2 GOL L . -29.91 26.03 0.68
O2 GOL L . -30.53 27.34 0.64
C3 GOL L . -29.63 25.69 2.16
O3 GOL L . -29.70 26.94 2.88
C1 NAG M . -2.83 -37.38 -19.73
C2 NAG M . -3.16 -38.85 -20.04
C3 NAG M . -4.40 -38.93 -20.93
C4 NAG M . -5.57 -38.15 -20.26
C5 NAG M . -5.09 -36.70 -19.94
C6 NAG M . -6.16 -35.95 -19.14
C7 NAG M . -1.49 -40.64 -20.52
C8 NAG M . -0.36 -41.02 -21.39
N2 NAG M . -2.02 -39.43 -20.82
O3 NAG M . -4.81 -40.32 -20.96
O4 NAG M . -6.65 -38.05 -21.22
O5 NAG M . -3.97 -36.80 -19.05
O6 NAG M . -5.79 -34.61 -18.99
O7 NAG M . -1.90 -41.30 -19.67
C2 BGC N . 11.05 -31.12 -10.39
C3 BGC N . 9.56 -30.94 -10.56
C4 BGC N . 9.05 -29.63 -9.93
C5 BGC N . 9.88 -28.40 -10.35
C6 BGC N . 9.54 -27.15 -9.54
C1 BGC N . 11.77 -29.82 -10.84
O1 BGC N . 13.13 -29.92 -10.49
O2 BGC N . 11.55 -32.27 -11.09
O3 BGC N . 8.92 -32.07 -9.93
O4 BGC N . 7.71 -29.46 -10.32
O5 BGC N . 11.27 -28.69 -10.10
O6 BGC N . 9.89 -27.30 -8.15
C1 GOL O . -11.93 -27.40 -21.70
O1 GOL O . -12.12 -28.21 -22.87
C2 GOL O . -12.08 -28.20 -20.41
O2 GOL O . -13.00 -29.30 -20.63
C3 GOL O . -12.63 -27.27 -19.33
O3 GOL O . -12.02 -27.55 -18.04
#